data_1FO6
#
_entry.id   1FO6
#
_cell.length_a   70.230
_cell.length_b   67.530
_cell.length_c   137.480
_cell.angle_alpha   90.00
_cell.angle_beta   96.12
_cell.angle_gamma   90.00
#
_symmetry.space_group_name_H-M   'P 1 21 1'
#
loop_
_entity.id
_entity.type
_entity.pdbx_description
1 polymer 'N-CARBAMoYL-D-AMINO-ACID AMIDOHYDROLASE'
2 non-polymer XENON
3 water water
#
_entity_poly.entity_id   1
_entity_poly.type   'polypeptide(L)'
_entity_poly.pdbx_seq_one_letter_code
;MTRQMILAVGQQGPIARAETREQVVGRLLDMLTNAASRGVNFIVFPELALTTFFPRWHFTDEAELDSFYETEMPGPVVRP
LFETAAELGIGFNLGYAELVVEGGVKRRFNTSILVDKSGKIVGKYRKIHLPGHKEYEAYRPFQHLEKRYFEPGDLGFPVY
DVDAAKMGMFICNDRRWPETWRVMGLKGAEIICGGYNTPTHNPPVPQHDHLTSFHHLLSMQAGSYQNGAWSAAAGKVGME
EGCMLLGHSCIVAPTGEIVALTTTLEDEVITAALDLDRCRELREHIFNFKAHRQPQHYGLIAEF
;
_entity_poly.pdbx_strand_id   A,B,C,D
#
loop_
_chem_comp.id
_chem_comp.type
_chem_comp.name
_chem_comp.formula
XE non-polymer XENON Xe
#
# COMPACT_ATOMS: atom_id res chain seq x y z
N ARG A 3 13.00 25.35 -13.35
CA ARG A 3 12.45 23.95 -13.44
C ARG A 3 12.25 23.22 -12.10
N GLN A 4 12.78 23.79 -11.03
CA GLN A 4 12.57 23.24 -9.69
C GLN A 4 11.82 24.18 -8.77
N MET A 5 10.88 23.65 -7.97
CA MET A 5 10.07 24.45 -7.12
C MET A 5 9.66 23.68 -5.86
N ILE A 6 9.08 24.47 -4.92
CA ILE A 6 8.62 23.72 -3.75
C ILE A 6 7.08 23.86 -3.89
N LEU A 7 6.40 22.76 -4.00
CA LEU A 7 4.92 22.75 -4.06
C LEU A 7 4.35 22.38 -2.72
N ALA A 8 3.26 23.02 -2.29
CA ALA A 8 2.60 22.78 -1.03
C ALA A 8 1.13 22.42 -1.25
N VAL A 9 0.54 21.95 -0.16
CA VAL A 9 -0.91 21.72 -0.16
C VAL A 9 -1.25 22.34 1.18
N GLY A 10 -2.31 23.12 1.12
CA GLY A 10 -2.83 23.68 2.37
C GLY A 10 -4.18 23.07 2.63
N GLN A 11 -4.16 22.00 3.42
CA GLN A 11 -5.39 21.35 3.77
C GLN A 11 -6.16 22.22 4.75
N GLN A 12 -7.49 22.17 4.65
CA GLN A 12 -8.32 22.86 5.65
C GLN A 12 -9.05 21.86 6.53
N GLY A 13 -9.15 22.24 7.81
CA GLY A 13 -10.03 21.54 8.75
C GLY A 13 -11.41 22.14 8.48
N PRO A 14 -12.43 21.66 9.15
CA PRO A 14 -13.79 22.04 8.89
C PRO A 14 -14.03 23.54 8.83
N ILE A 15 -15.14 23.86 8.16
CA ILE A 15 -15.57 25.28 8.06
C ILE A 15 -17.06 25.25 8.44
N ALA A 16 -17.35 25.78 9.61
CA ALA A 16 -18.76 25.73 10.08
C ALA A 16 -19.65 26.56 9.20
N ARG A 17 -20.96 26.26 9.12
CA ARG A 17 -21.90 27.10 8.38
C ARG A 17 -21.86 28.55 8.83
N ALA A 18 -21.64 28.81 10.11
CA ALA A 18 -21.55 30.16 10.66
C ALA A 18 -20.18 30.80 10.57
N GLU A 19 -19.16 29.97 10.30
CA GLU A 19 -17.83 30.59 10.23
C GLU A 19 -17.88 31.64 9.14
N THR A 20 -17.29 32.81 9.29
CA THR A 20 -17.35 33.78 8.21
C THR A 20 -16.24 33.62 7.19
N ARG A 21 -16.41 34.25 6.02
CA ARG A 21 -15.38 34.28 4.99
C ARG A 21 -14.18 35.00 5.57
N GLU A 22 -14.40 36.10 6.30
CA GLU A 22 -13.24 36.72 6.98
C GLU A 22 -12.51 35.72 7.87
N GLN A 23 -13.15 34.95 8.74
CA GLN A 23 -12.47 33.94 9.52
C GLN A 23 -11.76 32.85 8.68
N VAL A 24 -12.40 32.39 7.56
CA VAL A 24 -11.72 31.40 6.70
C VAL A 24 -10.47 31.95 6.10
N VAL A 25 -10.60 33.17 5.57
CA VAL A 25 -9.47 33.87 4.93
C VAL A 25 -8.30 34.04 5.92
N GLY A 26 -8.65 34.39 7.14
CA GLY A 26 -7.58 34.44 8.18
C GLY A 26 -6.94 33.04 8.31
N ARG A 27 -7.68 31.90 8.29
CA ARG A 27 -7.00 30.59 8.31
C ARG A 27 -6.12 30.29 7.10
N LEU A 28 -6.44 30.75 5.90
CA LEU A 28 -5.66 30.65 4.68
C LEU A 28 -4.36 31.47 4.72
N LEU A 29 -4.52 32.68 5.25
CA LEU A 29 -3.34 33.52 5.53
C LEU A 29 -2.36 32.79 6.47
N ASP A 30 -2.85 32.23 7.55
CA ASP A 30 -1.91 31.55 8.49
C ASP A 30 -1.17 30.40 7.80
N MET A 31 -1.86 29.63 6.90
CA MET A 31 -1.17 28.63 6.12
C MET A 31 -0.22 29.20 5.12
N LEU A 32 -0.38 30.40 4.54
CA LEU A 32 0.63 30.96 3.66
C LEU A 32 1.88 31.37 4.50
N THR A 33 1.68 31.81 5.72
CA THR A 33 2.83 32.21 6.55
C THR A 33 3.69 30.92 6.75
N ASN A 34 3.00 29.83 7.13
CA ASN A 34 3.70 28.55 7.28
C ASN A 34 4.39 28.10 6.06
N ALA A 35 3.75 28.26 4.85
CA ALA A 35 4.34 27.84 3.61
C ALA A 35 5.55 28.68 3.31
N ALA A 36 5.42 29.98 3.57
CA ALA A 36 6.58 30.84 3.38
C ALA A 36 7.85 30.39 4.16
N SER A 37 7.67 29.95 5.36
CA SER A 37 8.70 29.46 6.25
C SER A 37 9.37 28.20 5.78
N ARG A 38 8.72 27.42 4.88
CA ARG A 38 9.25 26.24 4.30
C ARG A 38 9.63 26.37 2.85
N GLY A 39 9.78 27.56 2.32
CA GLY A 39 10.33 27.82 0.97
C GLY A 39 9.28 27.58 -0.15
N VAL A 40 8.01 27.52 0.19
CA VAL A 40 7.01 27.09 -0.84
C VAL A 40 6.93 28.19 -1.90
N ASN A 41 6.71 27.79 -3.14
CA ASN A 41 6.52 28.63 -4.28
C ASN A 41 5.06 28.57 -4.84
N PHE A 42 4.37 27.48 -4.54
CA PHE A 42 2.96 27.36 -5.03
C PHE A 42 2.21 26.53 -4.01
N ILE A 43 0.99 26.92 -3.60
CA ILE A 43 0.25 26.12 -2.64
C ILE A 43 -1.18 25.83 -3.17
N VAL A 44 -1.63 24.62 -3.05
CA VAL A 44 -2.96 24.20 -3.52
C VAL A 44 -3.89 24.24 -2.31
N PHE A 45 -5.00 25.00 -2.41
CA PHE A 45 -6.02 24.97 -1.41
C PHE A 45 -7.25 24.18 -1.89
N PRO A 46 -8.16 23.82 -1.02
CA PRO A 46 -9.28 22.95 -1.27
C PRO A 46 -10.34 23.45 -2.23
N GLU A 47 -11.22 22.47 -2.52
CA GLU A 47 -12.40 22.80 -3.36
C GLU A 47 -13.33 23.62 -2.47
N LEU A 48 -14.09 24.60 -2.91
CA LEU A 48 -15.10 25.31 -2.18
C LEU A 48 -14.49 25.72 -0.81
N ALA A 49 -13.35 26.38 -0.96
CA ALA A 49 -12.59 26.60 0.28
C ALA A 49 -13.08 27.75 1.15
N LEU A 50 -14.04 28.55 0.63
CA LEU A 50 -14.40 29.72 1.48
C LEU A 50 -15.53 29.42 2.41
N THR A 51 -16.28 28.35 2.32
CA THR A 51 -17.48 28.18 3.11
C THR A 51 -17.56 26.75 3.55
N THR A 52 -18.56 26.46 4.38
CA THR A 52 -18.87 25.08 4.68
C THR A 52 -19.29 24.46 3.34
N PHE A 53 -19.39 23.15 3.31
CA PHE A 53 -19.80 22.44 2.09
C PHE A 53 -21.30 22.42 2.05
N PHE A 54 -21.95 23.43 1.50
CA PHE A 54 -23.36 23.63 1.43
C PHE A 54 -24.17 22.68 0.58
N PRO A 55 -23.59 21.81 -0.29
CA PRO A 55 -24.40 20.86 -1.06
C PRO A 55 -24.91 19.74 -0.22
N ARG A 56 -24.55 19.71 1.08
CA ARG A 56 -25.10 18.70 1.95
C ARG A 56 -26.53 19.05 2.36
N TRP A 57 -27.00 20.27 2.07
CA TRP A 57 -28.37 20.59 2.51
C TRP A 57 -29.24 20.89 1.28
N HIS A 58 -30.54 20.80 1.55
CA HIS A 58 -31.49 21.12 0.47
C HIS A 58 -31.97 22.52 0.76
N PHE A 59 -31.68 23.49 -0.08
CA PHE A 59 -32.08 24.88 0.11
C PHE A 59 -33.40 25.20 -0.61
N THR A 60 -34.32 25.89 0.05
CA THR A 60 -35.56 26.29 -0.62
C THR A 60 -35.54 27.80 -0.88
N ASP A 61 -34.82 28.51 -0.02
CA ASP A 61 -34.55 29.93 -0.14
C ASP A 61 -33.38 30.19 -1.06
N GLU A 62 -33.69 30.67 -2.27
CA GLU A 62 -32.69 30.94 -3.27
C GLU A 62 -31.71 32.01 -2.82
N ALA A 63 -32.13 32.92 -1.96
CA ALA A 63 -31.21 33.93 -1.44
C ALA A 63 -30.20 33.27 -0.49
N GLU A 64 -30.67 32.28 0.25
CA GLU A 64 -29.78 31.61 1.20
C GLU A 64 -28.73 30.79 0.42
N LEU A 65 -29.17 30.19 -0.66
CA LEU A 65 -28.25 29.40 -1.52
C LEU A 65 -27.21 30.33 -2.14
N ASP A 66 -27.63 31.49 -2.62
CA ASP A 66 -26.68 32.41 -3.23
C ASP A 66 -25.63 32.94 -2.26
N SER A 67 -25.92 33.11 -0.97
CA SER A 67 -24.87 33.62 -0.10
C SER A 67 -23.61 32.71 -0.09
N PHE A 68 -23.69 31.44 -0.51
CA PHE A 68 -22.43 30.67 -0.52
C PHE A 68 -21.59 30.89 -1.75
N TYR A 69 -22.06 31.73 -2.69
CA TYR A 69 -21.29 31.90 -3.92
C TYR A 69 -20.56 33.20 -3.96
N GLU A 70 -19.52 33.34 -4.74
CA GLU A 70 -18.75 34.51 -4.99
C GLU A 70 -19.24 35.12 -6.32
N THR A 71 -19.47 36.42 -6.28
CA THR A 71 -19.94 37.13 -7.48
C THR A 71 -18.78 37.83 -8.13
N GLU A 72 -17.62 37.80 -7.44
CA GLU A 72 -16.39 38.31 -8.04
C GLU A 72 -15.21 37.62 -7.34
N MET A 73 -14.08 37.70 -7.93
CA MET A 73 -12.88 37.04 -7.33
C MET A 73 -11.65 37.87 -7.58
N PRO A 74 -11.05 38.40 -6.52
CA PRO A 74 -11.57 38.33 -5.19
C PRO A 74 -12.52 39.49 -4.85
N GLY A 75 -13.40 39.30 -3.89
CA GLY A 75 -14.17 40.46 -3.43
C GLY A 75 -13.23 41.12 -2.39
N PRO A 76 -13.82 41.99 -1.59
CA PRO A 76 -13.05 42.68 -0.56
C PRO A 76 -12.62 41.69 0.50
N VAL A 77 -13.53 40.79 0.90
CA VAL A 77 -13.22 39.86 1.98
C VAL A 77 -12.11 38.89 1.62
N VAL A 78 -12.05 38.45 0.38
CA VAL A 78 -11.01 37.57 -0.11
C VAL A 78 -9.79 38.27 -0.62
N ARG A 79 -9.74 39.61 -0.75
CA ARG A 79 -8.53 40.23 -1.28
C ARG A 79 -7.23 40.11 -0.50
N PRO A 80 -7.24 40.12 0.82
CA PRO A 80 -6.03 39.94 1.62
C PRO A 80 -5.25 38.66 1.36
N LEU A 81 -6.01 37.61 1.00
CA LEU A 81 -5.32 36.35 0.58
C LEU A 81 -4.50 36.60 -0.64
N PHE A 82 -5.06 37.29 -1.65
CA PHE A 82 -4.36 37.62 -2.90
C PHE A 82 -3.22 38.57 -2.57
N GLU A 83 -3.56 39.61 -1.80
CA GLU A 83 -2.49 40.58 -1.49
C GLU A 83 -1.35 39.89 -0.75
N THR A 84 -1.65 39.06 0.27
CA THR A 84 -0.52 38.49 1.02
C THR A 84 0.25 37.47 0.24
N ALA A 85 -0.41 36.59 -0.56
CA ALA A 85 0.30 35.68 -1.40
C ALA A 85 1.16 36.38 -2.41
N ALA A 86 0.71 37.45 -3.09
CA ALA A 86 1.54 38.13 -4.05
C ALA A 86 2.72 38.83 -3.33
N GLU A 87 2.52 39.28 -2.09
CA GLU A 87 3.68 39.86 -1.34
C GLU A 87 4.77 38.84 -1.05
N LEU A 88 4.31 37.68 -0.47
CA LEU A 88 5.24 36.58 -0.28
C LEU A 88 5.75 35.93 -1.55
N GLY A 89 5.25 36.21 -2.76
CA GLY A 89 5.72 35.53 -3.94
C GLY A 89 5.16 34.10 -4.09
N ILE A 90 3.99 33.74 -3.54
CA ILE A 90 3.56 32.33 -3.67
C ILE A 90 2.33 32.22 -4.65
N GLY A 91 2.40 31.43 -5.67
CA GLY A 91 1.17 31.14 -6.47
C GLY A 91 0.22 30.33 -5.61
N PHE A 92 -1.08 30.19 -6.03
CA PHE A 92 -1.98 29.33 -5.34
C PHE A 92 -3.10 28.84 -6.32
N ASN A 93 -3.72 27.80 -5.81
CA ASN A 93 -4.98 27.29 -6.51
C ASN A 93 -6.08 27.42 -5.48
N LEU A 94 -7.18 28.15 -5.83
CA LEU A 94 -8.21 28.28 -4.76
C LEU A 94 -9.52 27.73 -5.32
N GLY A 95 -10.28 26.98 -4.57
CA GLY A 95 -11.58 26.53 -5.14
C GLY A 95 -12.64 27.44 -4.47
N TYR A 96 -13.68 27.74 -5.21
CA TYR A 96 -14.81 28.50 -4.65
C TYR A 96 -16.09 28.36 -5.49
N ALA A 97 -17.25 28.64 -4.87
CA ALA A 97 -18.52 28.49 -5.67
C ALA A 97 -18.76 29.77 -6.44
N GLU A 98 -19.03 29.74 -7.75
CA GLU A 98 -18.98 30.95 -8.57
C GLU A 98 -20.40 31.16 -9.15
N LEU A 99 -20.86 32.41 -9.06
CA LEU A 99 -22.19 32.68 -9.67
C LEU A 99 -22.00 33.78 -10.71
N VAL A 100 -22.36 33.53 -11.96
CA VAL A 100 -22.19 34.47 -13.04
C VAL A 100 -23.49 34.54 -13.90
N VAL A 101 -23.90 35.76 -14.18
CA VAL A 101 -25.11 35.95 -15.02
C VAL A 101 -24.74 36.23 -16.46
N GLU A 102 -25.16 35.40 -17.41
CA GLU A 102 -24.84 35.56 -18.81
C GLU A 102 -26.06 35.25 -19.68
N GLY A 103 -26.41 36.16 -20.58
CA GLY A 103 -27.54 35.92 -21.45
C GLY A 103 -28.85 35.59 -20.76
N GLY A 104 -29.17 36.16 -19.62
CA GLY A 104 -30.44 35.88 -18.98
C GLY A 104 -30.37 34.61 -18.14
N VAL A 105 -29.20 33.97 -17.93
CA VAL A 105 -29.12 32.75 -17.12
C VAL A 105 -28.19 32.95 -15.92
N LYS A 106 -28.66 32.49 -14.75
CA LYS A 106 -27.75 32.69 -13.58
C LYS A 106 -26.95 31.38 -13.53
N ARG A 107 -25.76 31.39 -14.06
CA ARG A 107 -24.93 30.16 -14.08
C ARG A 107 -24.22 29.95 -12.73
N ARG A 108 -24.20 28.70 -12.31
CA ARG A 108 -23.54 28.42 -10.99
C ARG A 108 -22.47 27.36 -11.30
N PHE A 109 -21.22 27.54 -10.86
CA PHE A 109 -20.20 26.53 -11.17
C PHE A 109 -19.33 26.29 -9.92
N ASN A 110 -18.82 25.08 -9.82
CA ASN A 110 -17.86 24.77 -8.72
C ASN A 110 -16.53 25.02 -9.43
N THR A 111 -15.79 26.04 -9.00
CA THR A 111 -14.69 26.58 -9.71
C THR A 111 -13.37 26.52 -8.91
N SER A 112 -12.31 26.61 -9.69
CA SER A 112 -10.97 26.78 -9.22
C SER A 112 -10.26 27.75 -10.14
N ILE A 113 -9.29 28.50 -9.53
CA ILE A 113 -8.43 29.33 -10.31
C ILE A 113 -6.94 29.06 -9.97
N LEU A 114 -6.05 29.39 -10.91
CA LEU A 114 -4.64 29.36 -10.66
C LEU A 114 -4.18 30.84 -10.65
N VAL A 115 -3.48 31.20 -9.61
CA VAL A 115 -3.01 32.60 -9.44
C VAL A 115 -1.48 32.48 -9.39
N ASP A 116 -0.80 33.31 -10.18
CA ASP A 116 0.66 33.12 -10.20
C ASP A 116 1.28 33.90 -9.06
N LYS A 117 2.64 33.88 -9.04
CA LYS A 117 3.35 34.50 -7.91
C LYS A 117 3.36 36.03 -7.92
N SER A 118 2.95 36.66 -9.03
CA SER A 118 2.66 38.08 -9.13
C SER A 118 1.28 38.38 -8.54
N GLY A 119 0.40 37.36 -8.47
CA GLY A 119 -0.92 37.67 -7.92
C GLY A 119 -1.95 37.85 -9.07
N LYS A 120 -1.55 37.58 -10.26
CA LYS A 120 -2.45 37.51 -11.39
C LYS A 120 -3.19 36.14 -11.47
N ILE A 121 -4.48 36.24 -11.75
CA ILE A 121 -5.30 35.06 -12.09
C ILE A 121 -5.00 34.64 -13.51
N VAL A 122 -4.31 33.52 -13.67
CA VAL A 122 -3.79 33.01 -14.91
C VAL A 122 -4.82 32.06 -15.57
N GLY A 123 -5.70 31.46 -14.80
CA GLY A 123 -6.58 30.47 -15.51
C GLY A 123 -7.64 29.92 -14.59
N LYS A 124 -8.77 29.49 -15.23
CA LYS A 124 -9.84 28.98 -14.39
C LYS A 124 -10.22 27.60 -14.90
N TYR A 125 -10.94 26.84 -14.05
CA TYR A 125 -11.48 25.54 -14.47
C TYR A 125 -12.80 25.43 -13.74
N ARG A 126 -13.80 24.74 -14.31
CA ARG A 126 -15.11 24.67 -13.60
C ARG A 126 -15.53 23.19 -13.66
N LYS A 127 -15.71 22.60 -12.47
CA LYS A 127 -15.84 21.18 -12.30
C LYS A 127 -16.80 20.53 -13.35
N ILE A 128 -16.23 19.57 -14.10
CA ILE A 128 -17.03 18.85 -15.09
C ILE A 128 -17.76 17.64 -14.56
N HIS A 129 -17.16 16.80 -13.71
CA HIS A 129 -17.88 15.66 -13.15
C HIS A 129 -18.52 16.04 -11.79
N LEU A 130 -19.80 16.29 -11.85
CA LEU A 130 -20.50 16.65 -10.58
C LEU A 130 -21.08 15.36 -10.04
N PRO A 131 -20.64 14.96 -8.88
CA PRO A 131 -21.10 13.75 -8.21
C PRO A 131 -22.40 13.96 -7.45
N GLY A 132 -22.99 12.89 -6.91
CA GLY A 132 -24.16 13.09 -6.08
C GLY A 132 -25.45 13.01 -6.91
N HIS A 133 -26.37 13.93 -6.64
CA HIS A 133 -27.71 13.79 -7.28
C HIS A 133 -28.38 15.13 -7.38
N LYS A 134 -29.49 15.24 -8.14
CA LYS A 134 -30.18 16.47 -8.40
C LYS A 134 -31.37 16.79 -7.50
N GLU A 135 -32.06 15.80 -6.97
CA GLU A 135 -33.21 16.10 -6.12
C GLU A 135 -33.02 15.60 -4.69
N TYR A 136 -33.75 16.22 -3.76
CA TYR A 136 -33.69 15.75 -2.37
C TYR A 136 -33.93 14.26 -2.28
N GLU A 137 -33.16 13.47 -1.55
CA GLU A 137 -33.36 12.03 -1.42
C GLU A 137 -33.52 11.74 0.07
N ALA A 138 -34.78 11.46 0.46
CA ALA A 138 -35.01 11.23 1.89
C ALA A 138 -34.24 10.06 2.46
N TYR A 139 -34.08 8.94 1.69
CA TYR A 139 -33.33 7.84 2.34
C TYR A 139 -31.82 8.07 2.43
N ARG A 140 -31.22 9.26 2.29
CA ARG A 140 -29.84 9.49 2.68
C ARG A 140 -29.74 10.48 3.85
N PRO A 141 -28.80 10.24 4.74
CA PRO A 141 -28.63 10.96 5.99
C PRO A 141 -28.13 12.37 5.79
N PHE A 142 -27.34 12.63 4.77
CA PHE A 142 -26.91 13.92 4.32
C PHE A 142 -27.02 13.92 2.77
N GLN A 143 -27.41 15.05 2.19
CA GLN A 143 -27.54 15.21 0.76
C GLN A 143 -26.16 15.44 0.10
N HIS A 144 -26.14 15.24 -1.19
CA HIS A 144 -24.97 15.56 -2.03
C HIS A 144 -25.51 16.20 -3.30
N LEU A 145 -25.93 17.47 -3.21
CA LEU A 145 -26.74 18.09 -4.27
C LEU A 145 -25.92 18.91 -5.23
N GLU A 146 -24.72 18.41 -5.56
CA GLU A 146 -23.88 19.15 -6.50
C GLU A 146 -24.50 19.29 -7.88
N LYS A 147 -25.22 18.27 -8.38
CA LYS A 147 -25.88 18.39 -9.67
C LYS A 147 -26.99 19.42 -9.66
N ARG A 148 -27.54 19.69 -8.50
CA ARG A 148 -28.59 20.70 -8.40
C ARG A 148 -28.03 22.11 -8.25
N TYR A 149 -26.93 22.28 -7.50
CA TYR A 149 -26.37 23.59 -7.21
C TYR A 149 -25.27 24.05 -8.15
N PHE A 150 -24.93 23.14 -9.08
CA PHE A 150 -23.93 23.58 -10.06
C PHE A 150 -24.28 22.99 -11.38
N GLU A 151 -23.74 23.52 -12.46
CA GLU A 151 -23.89 22.85 -13.75
C GLU A 151 -22.47 22.53 -14.22
N PRO A 152 -22.30 21.54 -15.06
CA PRO A 152 -20.96 21.11 -15.47
C PRO A 152 -20.23 22.22 -16.22
N GLY A 153 -18.91 22.22 -15.91
CA GLY A 153 -18.07 23.27 -16.42
C GLY A 153 -18.15 23.41 -17.94
N ASP A 154 -17.86 24.63 -18.38
CA ASP A 154 -17.88 24.95 -19.81
C ASP A 154 -16.50 25.35 -20.28
N LEU A 155 -15.44 24.97 -19.54
CA LEU A 155 -14.09 25.37 -20.03
C LEU A 155 -13.24 24.20 -20.41
N GLY A 156 -13.74 23.00 -20.50
CA GLY A 156 -13.01 21.77 -20.84
C GLY A 156 -12.04 21.53 -19.66
N PHE A 157 -10.94 20.86 -19.91
CA PHE A 157 -9.90 20.64 -18.88
C PHE A 157 -8.62 21.30 -19.42
N PRO A 158 -8.47 22.59 -19.18
CA PRO A 158 -7.36 23.39 -19.72
C PRO A 158 -6.05 23.24 -18.94
N VAL A 159 -4.96 23.47 -19.63
CA VAL A 159 -3.64 23.48 -18.97
C VAL A 159 -3.00 24.83 -19.24
N TYR A 160 -2.52 25.51 -18.24
CA TYR A 160 -2.06 26.88 -18.29
C TYR A 160 -0.61 27.01 -17.80
N ASP A 161 0.14 27.86 -18.46
CA ASP A 161 1.51 28.20 -17.98
C ASP A 161 1.42 29.02 -16.70
N VAL A 162 2.01 28.65 -15.62
CA VAL A 162 1.87 29.37 -14.34
C VAL A 162 3.34 29.44 -13.85
N ASP A 163 3.92 30.62 -14.04
CA ASP A 163 5.34 30.80 -13.69
C ASP A 163 6.11 29.83 -14.56
N ALA A 164 6.95 28.96 -14.06
CA ALA A 164 7.69 28.06 -14.99
C ALA A 164 7.00 26.78 -15.42
N ALA A 165 5.76 26.53 -14.91
CA ALA A 165 5.18 25.22 -15.09
C ALA A 165 3.84 25.10 -15.86
N LYS A 166 3.67 24.00 -16.55
CA LYS A 166 2.36 23.72 -17.20
C LYS A 166 1.45 23.05 -16.14
N MET A 167 0.44 23.79 -15.70
CA MET A 167 -0.44 23.26 -14.67
C MET A 167 -1.88 23.03 -15.16
N GLY A 168 -2.41 21.89 -14.76
CA GLY A 168 -3.85 21.60 -15.09
C GLY A 168 -4.62 21.53 -13.78
N MET A 169 -5.89 21.82 -13.72
CA MET A 169 -6.69 21.66 -12.56
C MET A 169 -7.75 20.52 -12.68
N PHE A 170 -8.06 19.85 -11.58
CA PHE A 170 -9.24 19.01 -11.42
C PHE A 170 -9.96 19.52 -10.19
N ILE A 171 -11.20 19.14 -9.92
CA ILE A 171 -11.93 19.47 -8.73
C ILE A 171 -12.51 18.16 -8.23
N CYS A 172 -12.06 17.76 -7.02
CA CYS A 172 -12.72 16.62 -6.32
C CYS A 172 -13.04 15.39 -7.10
N ASN A 173 -14.31 15.00 -7.28
CA ASN A 173 -14.69 13.84 -8.07
C ASN A 173 -14.02 13.69 -9.43
N ASP A 174 -13.65 14.78 -10.07
CA ASP A 174 -12.90 14.63 -11.33
C ASP A 174 -11.69 13.71 -11.20
N ARG A 175 -10.99 13.71 -10.06
CA ARG A 175 -9.72 12.89 -10.02
C ARG A 175 -9.97 11.43 -10.11
N ARG A 176 -11.22 10.93 -9.97
CA ARG A 176 -11.51 9.52 -10.14
C ARG A 176 -11.60 9.07 -11.59
N TRP A 177 -11.72 10.00 -12.55
CA TRP A 177 -11.98 9.65 -13.93
C TRP A 177 -10.64 9.74 -14.66
N PRO A 178 -10.15 8.67 -15.24
CA PRO A 178 -8.86 8.65 -15.94
C PRO A 178 -8.84 9.66 -17.09
N GLU A 179 -10.07 9.95 -17.59
CA GLU A 179 -10.21 10.88 -18.73
C GLU A 179 -9.76 12.26 -18.32
N THR A 180 -10.17 12.68 -17.11
CA THR A 180 -9.77 13.96 -16.59
C THR A 180 -8.25 14.17 -16.72
N TRP A 181 -7.53 13.18 -16.12
CA TRP A 181 -6.07 13.29 -16.16
C TRP A 181 -5.46 13.16 -17.54
N ARG A 182 -5.94 12.23 -18.37
CA ARG A 182 -5.41 12.01 -19.70
C ARG A 182 -5.62 13.20 -20.61
N VAL A 183 -6.76 13.91 -20.63
CA VAL A 183 -6.87 15.13 -21.47
C VAL A 183 -5.80 16.14 -21.09
N MET A 184 -5.52 16.30 -19.75
CA MET A 184 -4.52 17.26 -19.33
C MET A 184 -3.11 16.69 -19.61
N GLY A 185 -2.94 15.36 -19.46
CA GLY A 185 -1.67 14.75 -19.84
C GLY A 185 -1.29 14.97 -21.32
N LEU A 186 -2.29 14.90 -22.18
CA LEU A 186 -2.11 15.05 -23.63
C LEU A 186 -1.84 16.50 -23.96
N LYS A 187 -2.19 17.46 -23.11
CA LYS A 187 -1.84 18.86 -23.22
C LYS A 187 -0.51 19.18 -22.56
N GLY A 188 0.22 18.20 -22.01
CA GLY A 188 1.53 18.39 -21.46
C GLY A 188 1.57 19.06 -20.11
N ALA A 189 0.56 18.85 -19.26
CA ALA A 189 0.59 19.23 -17.88
C ALA A 189 1.76 18.53 -17.16
N GLU A 190 2.51 19.35 -16.44
CA GLU A 190 3.57 18.90 -15.56
C GLU A 190 3.03 18.65 -14.13
N ILE A 191 2.16 19.60 -13.76
CA ILE A 191 1.51 19.44 -12.43
C ILE A 191 -0.03 19.41 -12.61
N ILE A 192 -0.74 18.51 -11.96
CA ILE A 192 -2.20 18.49 -12.05
C ILE A 192 -2.69 18.62 -10.63
N CYS A 193 -3.48 19.59 -10.28
CA CYS A 193 -3.83 19.78 -8.88
C CYS A 193 -5.21 20.31 -8.56
N GLY A 194 -5.77 20.00 -7.36
CA GLY A 194 -7.16 20.57 -7.21
C GLY A 194 -7.48 20.17 -5.74
N GLY A 195 -8.66 20.43 -5.30
CA GLY A 195 -9.08 20.15 -3.91
C GLY A 195 -10.28 19.22 -3.88
N TYR A 196 -10.80 18.91 -2.72
CA TYR A 196 -11.82 17.91 -2.56
C TYR A 196 -12.41 18.06 -1.15
N ASN A 197 -13.64 17.63 -1.11
CA ASN A 197 -14.46 17.39 0.04
C ASN A 197 -14.99 15.96 -0.23
N THR A 198 -14.46 15.01 0.52
CA THR A 198 -14.90 13.61 0.28
C THR A 198 -15.33 13.01 1.61
N PRO A 199 -16.64 12.81 1.83
CA PRO A 199 -17.07 12.23 3.07
C PRO A 199 -16.46 10.80 3.17
N THR A 200 -16.33 10.37 4.40
CA THR A 200 -15.89 8.99 4.63
C THR A 200 -17.12 8.07 4.75
N HIS A 201 -18.35 8.59 4.60
CA HIS A 201 -19.47 7.70 4.60
C HIS A 201 -20.22 7.92 3.27
N ASN A 202 -20.62 6.85 2.60
CA ASN A 202 -21.30 7.01 1.31
C ASN A 202 -22.60 6.26 1.43
N PRO A 203 -23.70 6.99 1.58
CA PRO A 203 -24.99 6.39 1.91
C PRO A 203 -25.45 5.24 1.04
N PRO A 204 -25.33 5.34 -0.26
CA PRO A 204 -25.83 4.30 -1.15
C PRO A 204 -24.91 3.08 -1.19
N VAL A 205 -23.60 3.28 -0.92
CA VAL A 205 -22.73 2.06 -0.92
C VAL A 205 -21.83 2.12 0.27
N PRO A 206 -22.35 1.99 1.51
CA PRO A 206 -21.59 2.13 2.74
C PRO A 206 -20.55 1.04 2.94
N GLN A 207 -20.67 -0.06 2.18
CA GLN A 207 -19.72 -1.14 2.14
C GLN A 207 -18.40 -0.70 1.53
N HIS A 208 -18.23 0.50 1.01
CA HIS A 208 -16.97 1.04 0.54
C HIS A 208 -16.42 2.08 1.51
N ASP A 209 -17.11 2.37 2.65
CA ASP A 209 -16.57 3.43 3.51
C ASP A 209 -15.15 3.24 4.04
N HIS A 210 -14.78 1.98 4.37
CA HIS A 210 -13.40 1.82 4.90
C HIS A 210 -12.39 1.77 3.74
N LEU A 211 -12.85 2.00 2.52
CA LEU A 211 -11.96 2.18 1.37
C LEU A 211 -11.86 3.63 0.91
N THR A 212 -12.36 4.56 1.75
CA THR A 212 -12.33 5.97 1.28
C THR A 212 -10.98 6.50 0.96
N SER A 213 -10.05 6.27 1.94
CA SER A 213 -8.68 6.78 1.68
C SER A 213 -8.04 5.99 0.50
N PHE A 214 -8.20 4.67 0.57
CA PHE A 214 -7.66 3.84 -0.53
C PHE A 214 -8.02 4.42 -1.91
N HIS A 215 -9.33 4.53 -2.15
CA HIS A 215 -9.79 5.04 -3.45
C HIS A 215 -9.28 6.40 -3.84
N HIS A 216 -9.27 7.31 -2.85
CA HIS A 216 -8.72 8.66 -3.12
C HIS A 216 -7.25 8.59 -3.54
N LEU A 217 -6.47 7.84 -2.72
CA LEU A 217 -5.02 7.80 -3.07
C LEU A 217 -4.77 7.03 -4.36
N LEU A 218 -5.43 5.90 -4.57
CA LEU A 218 -5.33 5.11 -5.79
C LEU A 218 -5.51 5.98 -7.05
N SER A 219 -6.50 6.90 -7.01
CA SER A 219 -6.84 7.82 -8.06
C SER A 219 -5.73 8.81 -8.36
N MET A 220 -5.21 9.38 -7.27
CA MET A 220 -4.09 10.30 -7.47
C MET A 220 -2.85 9.54 -8.00
N GLN A 221 -2.51 8.45 -7.38
CA GLN A 221 -1.30 7.73 -7.83
C GLN A 221 -1.38 7.27 -9.28
N ALA A 222 -2.48 6.67 -9.69
CA ALA A 222 -2.62 6.14 -11.05
C ALA A 222 -2.64 7.27 -12.09
N GLY A 223 -3.31 8.35 -11.70
CA GLY A 223 -3.36 9.50 -12.64
C GLY A 223 -1.99 10.11 -12.94
N SER A 224 -1.21 10.27 -11.87
CA SER A 224 0.08 10.90 -11.95
C SER A 224 0.91 9.93 -12.81
N TYR A 225 0.94 8.68 -12.37
CA TYR A 225 1.76 7.65 -13.09
C TYR A 225 1.45 7.62 -14.57
N GLN A 226 0.15 7.44 -14.90
CA GLN A 226 -0.21 7.32 -16.32
C GLN A 226 0.12 8.52 -17.16
N ASN A 227 0.22 9.72 -16.66
CA ASN A 227 0.49 10.90 -17.51
C ASN A 227 1.86 11.49 -17.24
N GLY A 228 2.60 10.77 -16.34
CA GLY A 228 3.90 11.31 -15.91
C GLY A 228 3.75 12.72 -15.36
N ALA A 229 2.76 12.99 -14.46
CA ALA A 229 2.62 14.32 -13.90
C ALA A 229 2.77 14.36 -12.40
N TRP A 230 3.40 15.42 -11.87
CA TRP A 230 3.30 15.59 -10.43
C TRP A 230 1.78 15.93 -10.21
N SER A 231 1.30 15.69 -9.00
CA SER A 231 -0.05 16.08 -8.69
C SER A 231 -0.18 16.44 -7.21
N ALA A 232 -1.33 17.06 -6.90
CA ALA A 232 -1.54 17.37 -5.50
C ALA A 232 -3.05 17.56 -5.24
N ALA A 233 -3.48 17.06 -4.09
CA ALA A 233 -4.90 17.16 -3.77
C ALA A 233 -5.01 17.74 -2.37
N ALA A 234 -5.77 18.84 -2.28
CA ALA A 234 -5.87 19.57 -0.99
C ALA A 234 -7.29 19.30 -0.47
N GLY A 235 -7.37 18.58 0.62
CA GLY A 235 -8.67 18.32 1.17
C GLY A 235 -9.21 19.41 2.09
N LYS A 236 -10.54 19.47 2.20
CA LYS A 236 -11.17 20.19 3.33
C LYS A 236 -11.78 19.08 4.12
N VAL A 237 -11.29 18.86 5.38
CA VAL A 237 -11.35 17.64 6.08
C VAL A 237 -11.87 17.71 7.52
N GLY A 238 -12.14 16.54 8.08
CA GLY A 238 -12.60 16.42 9.45
C GLY A 238 -14.11 16.49 9.57
N MET A 239 -14.55 16.74 10.81
CA MET A 239 -15.99 16.64 11.08
C MET A 239 -16.63 17.98 10.78
N GLU A 240 -17.32 18.10 9.65
CA GLU A 240 -17.88 19.42 9.32
C GLU A 240 -19.39 19.32 9.31
N GLU A 241 -19.98 20.01 10.31
CA GLU A 241 -21.43 20.04 10.45
C GLU A 241 -21.97 18.63 10.55
N GLY A 242 -21.32 17.80 11.37
CA GLY A 242 -21.79 16.44 11.56
C GLY A 242 -21.50 15.43 10.42
N CYS A 243 -20.71 15.82 9.44
CA CYS A 243 -20.30 14.93 8.34
C CYS A 243 -18.79 14.79 8.35
N MET A 244 -18.27 13.56 8.50
CA MET A 244 -16.79 13.47 8.52
C MET A 244 -16.20 13.50 7.10
N LEU A 245 -15.27 14.38 6.83
CA LEU A 245 -14.63 14.44 5.53
C LEU A 245 -13.23 13.79 5.60
N LEU A 246 -12.86 13.02 4.59
CA LEU A 246 -11.55 12.37 4.49
C LEU A 246 -10.41 13.35 4.64
N GLY A 247 -9.34 12.96 5.28
CA GLY A 247 -8.08 13.75 5.31
C GLY A 247 -7.16 13.19 4.22
N HIS A 248 -5.87 12.94 4.53
CA HIS A 248 -4.97 12.37 3.51
C HIS A 248 -4.87 13.28 2.31
N SER A 249 -4.69 14.60 2.50
CA SER A 249 -4.28 15.47 1.41
C SER A 249 -2.89 15.02 0.98
N CYS A 250 -2.48 15.20 -0.26
CA CYS A 250 -1.24 14.57 -0.70
C CYS A 250 -0.61 15.27 -1.86
N ILE A 251 0.67 14.92 -2.08
CA ILE A 251 1.45 15.42 -3.22
C ILE A 251 2.16 14.16 -3.75
N VAL A 252 2.12 14.01 -5.04
CA VAL A 252 2.42 12.75 -5.71
C VAL A 252 3.39 13.07 -6.83
N ALA A 253 4.41 12.19 -6.96
CA ALA A 253 5.38 12.37 -8.05
C ALA A 253 4.87 11.75 -9.33
N PRO A 254 5.55 12.00 -10.48
CA PRO A 254 5.18 11.46 -11.78
C PRO A 254 5.18 9.97 -11.88
N THR A 255 5.94 9.30 -11.01
CA THR A 255 5.90 7.85 -10.98
C THR A 255 4.69 7.33 -10.22
N GLY A 256 3.85 8.15 -9.59
CA GLY A 256 2.73 7.57 -8.83
C GLY A 256 3.05 7.48 -7.33
N GLU A 257 4.34 7.70 -6.95
CA GLU A 257 4.73 7.70 -5.56
C GLU A 257 4.14 8.90 -4.78
N ILE A 258 3.64 8.63 -3.58
CA ILE A 258 3.17 9.74 -2.71
C ILE A 258 4.38 10.32 -2.00
N VAL A 259 4.63 11.59 -2.24
CA VAL A 259 5.85 12.16 -1.65
C VAL A 259 5.50 12.96 -0.45
N ALA A 260 4.24 13.31 -0.21
CA ALA A 260 3.86 14.02 0.98
C ALA A 260 2.39 13.74 1.32
N LEU A 261 2.09 13.64 2.60
CA LEU A 261 0.74 13.25 3.03
C LEU A 261 0.40 13.95 4.33
N THR A 262 -0.84 14.46 4.50
CA THR A 262 -1.21 15.00 5.77
C THR A 262 -1.54 13.93 6.78
N THR A 263 -1.30 14.29 8.06
CA THR A 263 -1.66 13.26 9.05
C THR A 263 -2.69 13.83 9.98
N THR A 264 -3.03 15.12 9.91
CA THR A 264 -4.07 15.57 10.87
C THR A 264 -5.40 15.79 10.10
N LEU A 265 -6.44 16.04 10.88
CA LEU A 265 -7.72 16.51 10.31
C LEU A 265 -7.92 17.98 10.60
N GLU A 266 -6.83 18.75 10.61
CA GLU A 266 -6.97 20.19 10.84
C GLU A 266 -6.29 20.96 9.72
N ASP A 267 -6.24 22.27 9.76
CA ASP A 267 -5.50 23.07 8.76
C ASP A 267 -4.03 22.58 8.86
N GLU A 268 -3.39 22.36 7.71
CA GLU A 268 -2.09 21.69 7.79
C GLU A 268 -1.45 21.88 6.44
N VAL A 269 -0.21 22.29 6.46
CA VAL A 269 0.58 22.50 5.27
C VAL A 269 1.52 21.34 5.03
N ILE A 270 1.53 20.75 3.82
CA ILE A 270 2.53 19.76 3.48
C ILE A 270 3.29 20.27 2.28
N THR A 271 4.58 19.87 2.10
CA THR A 271 5.33 20.41 0.98
C THR A 271 6.14 19.35 0.30
N ALA A 272 6.59 19.60 -0.94
CA ALA A 272 7.47 18.61 -1.55
C ALA A 272 8.30 19.39 -2.55
N ALA A 273 9.49 18.82 -2.79
CA ALA A 273 10.31 19.36 -3.88
C ALA A 273 9.91 18.80 -5.23
N LEU A 274 9.62 19.69 -6.18
CA LEU A 274 9.20 19.24 -7.49
C LEU A 274 10.23 19.63 -8.58
N ASP A 275 10.52 18.67 -9.38
CA ASP A 275 11.48 18.90 -10.45
C ASP A 275 10.65 18.61 -11.73
N LEU A 276 10.35 19.64 -12.49
CA LEU A 276 9.50 19.48 -13.67
C LEU A 276 10.10 18.62 -14.76
N ASP A 277 11.43 18.48 -14.83
CA ASP A 277 12.08 17.53 -15.73
C ASP A 277 11.87 16.08 -15.32
N ARG A 278 11.45 15.74 -14.09
CA ARG A 278 11.20 14.34 -13.78
C ARG A 278 10.03 13.72 -14.59
N CYS A 279 9.16 14.55 -15.17
CA CYS A 279 8.04 14.06 -15.98
C CYS A 279 8.51 13.22 -17.14
N ARG A 280 9.70 13.54 -17.71
CA ARG A 280 10.28 12.80 -18.82
C ARG A 280 10.63 11.35 -18.56
N GLU A 281 10.90 11.02 -17.29
CA GLU A 281 11.12 9.61 -16.90
C GLU A 281 9.98 8.75 -17.39
N LEU A 282 8.73 9.25 -17.37
CA LEU A 282 7.64 8.44 -17.92
C LEU A 282 7.35 8.80 -19.40
N ARG A 283 7.30 10.09 -19.67
CA ARG A 283 6.80 10.60 -20.95
C ARG A 283 7.79 10.52 -22.09
N GLU A 284 9.07 10.25 -21.78
CA GLU A 284 9.97 10.05 -22.97
C GLU A 284 10.28 8.58 -23.10
N HIS A 285 9.68 7.76 -22.21
CA HIS A 285 9.95 6.34 -22.09
C HIS A 285 8.71 5.49 -22.09
N ILE A 286 8.33 4.87 -20.97
CA ILE A 286 7.23 3.92 -21.01
C ILE A 286 5.93 4.58 -21.53
N PHE A 287 5.67 5.81 -21.21
CA PHE A 287 4.47 6.56 -21.63
C PHE A 287 4.83 7.70 -22.54
N ASN A 288 5.74 7.34 -23.47
CA ASN A 288 6.10 8.20 -24.62
C ASN A 288 4.92 8.08 -25.61
N PHE A 289 4.04 9.09 -25.56
CA PHE A 289 2.79 8.93 -26.29
C PHE A 289 2.93 8.81 -27.83
N LYS A 290 3.85 9.60 -28.38
CA LYS A 290 4.04 9.54 -29.85
C LYS A 290 4.55 8.14 -30.17
N ALA A 291 5.43 7.57 -29.32
CA ALA A 291 5.90 6.24 -29.54
C ALA A 291 4.87 5.15 -29.32
N HIS A 292 4.01 5.24 -28.28
CA HIS A 292 3.27 4.02 -27.93
C HIS A 292 1.76 4.17 -27.78
N ARG A 293 1.29 5.41 -27.63
CA ARG A 293 -0.18 5.49 -27.40
C ARG A 293 -0.88 5.10 -28.66
N GLN A 294 -2.09 4.53 -28.71
CA GLN A 294 -2.76 4.10 -29.93
C GLN A 294 -4.14 4.73 -30.05
N PRO A 295 -4.30 6.03 -30.23
CA PRO A 295 -5.62 6.71 -30.19
C PRO A 295 -6.65 6.27 -31.21
N GLN A 296 -6.11 5.55 -32.23
CA GLN A 296 -6.95 4.99 -33.27
C GLN A 296 -7.83 3.90 -32.77
N HIS A 297 -7.50 3.21 -31.65
CA HIS A 297 -8.41 2.21 -31.12
C HIS A 297 -9.22 2.70 -29.92
N TYR A 298 -9.09 3.97 -29.57
CA TYR A 298 -9.81 4.48 -28.35
C TYR A 298 -11.08 5.24 -28.63
N GLY A 299 -11.58 5.25 -29.88
CA GLY A 299 -12.70 6.16 -30.24
C GLY A 299 -13.92 5.91 -29.37
N LEU A 300 -14.19 4.75 -28.77
CA LEU A 300 -15.40 4.52 -27.99
C LEU A 300 -15.42 5.47 -26.78
N ILE A 301 -14.21 5.81 -26.34
CA ILE A 301 -14.10 6.66 -25.13
C ILE A 301 -14.77 8.01 -25.41
N ALA A 302 -14.65 8.51 -26.65
CA ALA A 302 -15.19 9.81 -26.97
C ALA A 302 -16.60 9.81 -27.55
N GLU A 303 -17.26 8.66 -27.64
CA GLU A 303 -18.62 8.60 -28.16
C GLU A 303 -19.68 9.14 -27.24
N PHE A 304 -20.61 9.91 -27.80
CA PHE A 304 -21.67 10.47 -26.92
C PHE A 304 -23.07 10.53 -27.61
N ARG B 3 -24.10 -16.40 -11.73
CA ARG B 3 -23.41 -15.12 -11.41
C ARG B 3 -22.21 -15.20 -10.45
N GLN B 4 -21.92 -16.37 -9.91
CA GLN B 4 -20.80 -16.49 -8.94
C GLN B 4 -19.92 -17.62 -9.45
N MET B 5 -18.62 -17.57 -9.31
CA MET B 5 -17.71 -18.52 -9.95
C MET B 5 -16.39 -18.44 -9.20
N ILE B 6 -15.43 -19.32 -9.50
CA ILE B 6 -14.13 -19.23 -8.84
C ILE B 6 -13.20 -19.03 -10.05
N LEU B 7 -12.46 -17.92 -9.96
CA LEU B 7 -11.55 -17.55 -10.99
C LEU B 7 -10.17 -17.91 -10.50
N ALA B 8 -9.26 -18.28 -11.40
CA ALA B 8 -7.91 -18.54 -10.90
C ALA B 8 -6.95 -17.91 -11.87
N VAL B 9 -5.71 -17.86 -11.42
CA VAL B 9 -4.59 -17.39 -12.18
C VAL B 9 -3.57 -18.54 -12.06
N GLY B 10 -3.11 -18.94 -13.25
CA GLY B 10 -2.06 -19.93 -13.31
C GLY B 10 -0.74 -19.28 -13.63
N GLN B 11 0.00 -18.82 -12.64
CA GLN B 11 1.27 -18.17 -12.94
C GLN B 11 2.28 -19.24 -13.47
N GLN B 12 3.14 -18.82 -14.39
CA GLN B 12 4.20 -19.71 -14.81
C GLN B 12 5.53 -19.25 -14.25
N GLY B 13 6.38 -20.21 -13.84
CA GLY B 13 7.79 -19.90 -13.63
C GLY B 13 8.47 -19.89 -14.99
N PRO B 14 9.80 -19.78 -15.06
CA PRO B 14 10.52 -19.61 -16.30
C PRO B 14 10.32 -20.72 -17.31
N ILE B 15 10.32 -20.33 -18.61
CA ILE B 15 10.27 -21.31 -19.68
C ILE B 15 11.61 -21.12 -20.42
N ALA B 16 12.45 -22.19 -20.35
CA ALA B 16 13.80 -21.96 -20.98
C ALA B 16 13.70 -21.87 -22.50
N ARG B 17 14.71 -21.35 -23.21
CA ARG B 17 14.68 -21.18 -24.67
C ARG B 17 14.43 -22.47 -25.43
N ALA B 18 14.92 -23.60 -24.89
CA ALA B 18 14.70 -24.84 -25.66
C ALA B 18 13.78 -25.79 -24.93
N GLU B 19 13.09 -25.25 -23.90
CA GLU B 19 12.06 -26.10 -23.27
C GLU B 19 11.00 -26.28 -24.34
N THR B 20 10.48 -27.48 -24.47
CA THR B 20 9.56 -27.80 -25.53
C THR B 20 8.13 -27.41 -25.20
N ARG B 21 7.31 -27.22 -26.25
CA ARG B 21 5.87 -26.97 -26.03
C ARG B 21 5.25 -28.13 -25.30
N GLU B 22 5.69 -29.39 -25.60
CA GLU B 22 5.19 -30.53 -24.86
C GLU B 22 5.56 -30.37 -23.36
N GLN B 23 6.73 -29.88 -23.06
CA GLN B 23 7.09 -29.69 -21.64
C GLN B 23 6.21 -28.60 -20.98
N VAL B 24 5.97 -27.51 -21.70
CA VAL B 24 5.11 -26.41 -21.17
C VAL B 24 3.70 -26.86 -20.92
N VAL B 25 3.10 -27.55 -21.88
CA VAL B 25 1.73 -28.04 -21.78
C VAL B 25 1.56 -28.90 -20.56
N GLY B 26 2.48 -29.83 -20.31
CA GLY B 26 2.53 -30.62 -19.13
C GLY B 26 2.50 -29.73 -17.86
N ARG B 27 3.19 -28.61 -17.85
CA ARG B 27 3.19 -27.69 -16.71
C ARG B 27 1.79 -27.05 -16.61
N LEU B 28 1.21 -26.64 -17.73
CA LEU B 28 -0.18 -26.13 -17.76
C LEU B 28 -1.21 -27.10 -17.31
N LEU B 29 -1.11 -28.38 -17.77
CA LEU B 29 -2.00 -29.41 -17.26
C LEU B 29 -1.93 -29.62 -15.74
N ASP B 30 -0.73 -29.67 -15.18
CA ASP B 30 -0.62 -29.79 -13.73
C ASP B 30 -1.34 -28.61 -13.04
N MET B 31 -1.16 -27.37 -13.56
CA MET B 31 -1.95 -26.28 -12.97
C MET B 31 -3.44 -26.46 -13.08
N LEU B 32 -3.93 -26.96 -14.24
CA LEU B 32 -5.38 -27.16 -14.37
C LEU B 32 -5.87 -28.14 -13.32
N THR B 33 -5.12 -29.18 -13.07
CA THR B 33 -5.35 -30.22 -12.09
C THR B 33 -5.41 -29.64 -10.68
N ASN B 34 -4.40 -28.85 -10.32
CA ASN B 34 -4.43 -28.10 -9.08
C ASN B 34 -5.65 -27.20 -8.99
N ALA B 35 -5.91 -26.45 -10.09
CA ALA B 35 -7.13 -25.60 -10.12
C ALA B 35 -8.40 -26.38 -9.86
N ALA B 36 -8.54 -27.51 -10.62
CA ALA B 36 -9.75 -28.33 -10.42
C ALA B 36 -9.94 -28.84 -8.99
N SER B 37 -8.86 -29.08 -8.25
CA SER B 37 -9.06 -29.54 -6.84
C SER B 37 -9.50 -28.36 -5.97
N ARG B 38 -9.58 -27.12 -6.49
CA ARG B 38 -9.86 -25.96 -5.63
C ARG B 38 -11.16 -25.31 -6.11
N GLY B 39 -11.94 -26.12 -6.87
CA GLY B 39 -13.21 -25.65 -7.36
C GLY B 39 -13.13 -24.55 -8.42
N VAL B 40 -12.04 -24.37 -9.11
CA VAL B 40 -11.90 -23.33 -10.12
C VAL B 40 -12.87 -23.55 -11.30
N ASN B 41 -13.36 -22.49 -11.92
CA ASN B 41 -14.14 -22.56 -13.12
C ASN B 41 -13.44 -21.91 -14.31
N PHE B 42 -12.47 -21.04 -14.12
CA PHE B 42 -11.84 -20.39 -15.30
C PHE B 42 -10.43 -20.11 -14.84
N ILE B 43 -9.41 -20.34 -15.69
CA ILE B 43 -8.08 -19.93 -15.16
C ILE B 43 -7.35 -19.11 -16.20
N VAL B 44 -6.66 -18.09 -15.83
CA VAL B 44 -5.90 -17.21 -16.64
C VAL B 44 -4.43 -17.64 -16.66
N PHE B 45 -3.90 -17.85 -17.88
CA PHE B 45 -2.48 -18.16 -18.10
C PHE B 45 -1.79 -16.95 -18.66
N PRO B 46 -0.44 -16.87 -18.65
CA PRO B 46 0.32 -15.69 -19.00
C PRO B 46 0.40 -15.33 -20.49
N GLU B 47 1.04 -14.22 -20.77
CA GLU B 47 1.27 -13.76 -22.16
C GLU B 47 2.42 -14.63 -22.76
N LEU B 48 2.26 -15.07 -24.03
CA LEU B 48 3.28 -15.93 -24.65
C LEU B 48 3.55 -17.11 -23.71
N ALA B 49 2.55 -17.89 -23.37
CA ALA B 49 2.59 -18.93 -22.39
C ALA B 49 3.18 -20.25 -22.91
N LEU B 50 3.46 -20.35 -24.19
CA LEU B 50 3.91 -21.67 -24.72
C LEU B 50 5.41 -21.59 -24.92
N THR B 51 6.18 -20.50 -24.73
CA THR B 51 7.59 -20.48 -24.96
C THR B 51 8.28 -19.48 -24.01
N THR B 52 9.60 -19.45 -24.12
CA THR B 52 10.39 -18.46 -23.43
C THR B 52 10.01 -17.12 -24.00
N PHE B 53 10.49 -16.05 -23.40
CA PHE B 53 10.16 -14.71 -23.91
C PHE B 53 11.26 -14.35 -24.92
N PHE B 54 11.02 -14.70 -26.17
CA PHE B 54 11.88 -14.56 -27.29
C PHE B 54 12.14 -13.16 -27.75
N PRO B 55 11.30 -12.13 -27.50
CA PRO B 55 11.59 -10.77 -27.85
C PRO B 55 12.72 -10.17 -27.05
N ARG B 56 13.33 -10.92 -26.10
CA ARG B 56 14.53 -10.50 -25.41
C ARG B 56 15.81 -10.71 -26.25
N TRP B 57 15.69 -11.29 -27.42
CA TRP B 57 16.88 -11.42 -28.27
C TRP B 57 16.72 -10.77 -29.62
N HIS B 58 17.87 -10.43 -30.19
CA HIS B 58 17.85 -9.89 -31.55
C HIS B 58 18.01 -11.11 -32.47
N PHE B 59 17.06 -11.42 -33.32
CA PHE B 59 17.12 -12.55 -34.23
C PHE B 59 17.66 -12.12 -35.61
N THR B 60 18.51 -13.00 -36.16
CA THR B 60 19.05 -12.75 -37.50
C THR B 60 18.49 -13.77 -38.48
N ASP B 61 17.77 -14.76 -37.98
CA ASP B 61 17.22 -15.84 -38.78
C ASP B 61 15.70 -15.92 -38.74
N GLU B 62 15.00 -15.67 -39.85
CA GLU B 62 13.54 -15.71 -39.84
C GLU B 62 12.98 -17.08 -39.49
N ALA B 63 13.53 -18.17 -39.99
CA ALA B 63 13.07 -19.52 -39.63
C ALA B 63 13.10 -19.86 -38.15
N GLU B 64 14.23 -19.48 -37.57
CA GLU B 64 14.47 -19.52 -36.13
C GLU B 64 13.44 -18.62 -35.42
N LEU B 65 13.23 -17.40 -35.89
CA LEU B 65 12.21 -16.53 -35.28
C LEU B 65 10.86 -17.22 -35.38
N ASP B 66 10.45 -17.68 -36.55
CA ASP B 66 9.15 -18.32 -36.72
C ASP B 66 8.89 -19.54 -35.87
N SER B 67 9.88 -20.30 -35.43
CA SER B 67 9.60 -21.45 -34.58
C SER B 67 8.95 -21.07 -33.23
N PHE B 68 8.97 -19.82 -32.82
CA PHE B 68 8.31 -19.45 -31.53
C PHE B 68 6.84 -19.03 -31.71
N TYR B 69 6.29 -19.24 -32.90
CA TYR B 69 4.94 -18.79 -33.20
C TYR B 69 4.07 -19.99 -33.44
N GLU B 70 2.78 -19.96 -33.22
CA GLU B 70 1.84 -21.01 -33.48
C GLU B 70 1.25 -20.68 -34.89
N THR B 71 1.05 -21.71 -35.66
CA THR B 71 0.50 -21.51 -37.02
C THR B 71 -0.91 -22.04 -36.99
N GLU B 72 -1.26 -22.73 -35.87
CA GLU B 72 -2.62 -23.19 -35.62
C GLU B 72 -2.87 -23.13 -34.09
N MET B 73 -4.12 -23.14 -33.73
CA MET B 73 -4.45 -23.12 -32.29
C MET B 73 -5.70 -23.90 -31.99
N PRO B 74 -5.55 -25.05 -31.38
CA PRO B 74 -4.29 -25.64 -31.03
C PRO B 74 -3.79 -26.64 -32.09
N GLY B 75 -2.49 -26.70 -32.17
CA GLY B 75 -1.84 -27.74 -32.99
C GLY B 75 -1.87 -29.01 -32.12
N PRO B 76 -1.38 -30.10 -32.68
CA PRO B 76 -1.39 -31.38 -31.98
C PRO B 76 -0.82 -31.34 -30.57
N VAL B 77 0.28 -30.68 -30.30
CA VAL B 77 0.99 -30.61 -29.06
C VAL B 77 0.26 -29.76 -28.00
N VAL B 78 -0.48 -28.76 -28.47
CA VAL B 78 -1.21 -27.90 -27.51
C VAL B 78 -2.55 -28.49 -27.24
N ARG B 79 -3.09 -29.31 -28.16
CA ARG B 79 -4.32 -30.00 -27.97
C ARG B 79 -4.69 -30.60 -26.64
N PRO B 80 -3.87 -31.34 -25.93
CA PRO B 80 -4.21 -31.90 -24.63
C PRO B 80 -4.69 -30.87 -23.58
N LEU B 81 -4.22 -29.63 -23.72
CA LEU B 81 -4.62 -28.54 -22.81
C LEU B 81 -6.10 -28.29 -22.95
N PHE B 82 -6.45 -28.14 -24.26
CA PHE B 82 -7.84 -27.96 -24.59
C PHE B 82 -8.61 -29.17 -24.10
N GLU B 83 -8.10 -30.37 -24.42
CA GLU B 83 -8.89 -31.57 -24.08
C GLU B 83 -9.14 -31.70 -22.58
N THR B 84 -8.04 -31.51 -21.87
CA THR B 84 -8.05 -31.61 -20.41
C THR B 84 -8.99 -30.53 -19.87
N ALA B 85 -8.81 -29.27 -20.33
CA ALA B 85 -9.65 -28.21 -19.71
C ALA B 85 -11.09 -28.48 -19.96
N ALA B 86 -11.60 -28.93 -21.13
CA ALA B 86 -13.02 -29.16 -21.25
C ALA B 86 -13.54 -30.35 -20.43
N GLU B 87 -12.76 -31.41 -20.29
CA GLU B 87 -13.25 -32.59 -19.52
C GLU B 87 -13.32 -32.19 -18.03
N LEU B 88 -12.45 -31.27 -17.59
CA LEU B 88 -12.60 -30.68 -16.26
C LEU B 88 -13.67 -29.61 -16.24
N GLY B 89 -14.09 -29.11 -17.40
CA GLY B 89 -15.17 -28.09 -17.38
C GLY B 89 -14.61 -26.77 -16.79
N ILE B 90 -13.39 -26.45 -17.15
CA ILE B 90 -12.72 -25.19 -16.74
C ILE B 90 -12.37 -24.37 -17.97
N GLY B 91 -12.82 -23.14 -18.05
CA GLY B 91 -12.36 -22.23 -19.13
C GLY B 91 -10.99 -21.66 -18.88
N PHE B 92 -10.38 -21.09 -19.93
CA PHE B 92 -9.07 -20.49 -19.78
C PHE B 92 -8.72 -19.45 -20.86
N ASN B 93 -7.79 -18.59 -20.42
CA ASN B 93 -7.27 -17.52 -21.24
C ASN B 93 -5.80 -17.93 -21.47
N LEU B 94 -5.47 -18.09 -22.73
CA LEU B 94 -4.13 -18.49 -23.11
C LEU B 94 -3.48 -17.46 -24.00
N GLY B 95 -2.26 -17.04 -23.68
CA GLY B 95 -1.49 -16.17 -24.54
C GLY B 95 -0.48 -16.98 -25.39
N TYR B 96 -0.25 -16.53 -26.65
CA TYR B 96 0.69 -17.22 -27.52
C TYR B 96 1.06 -16.29 -28.68
N ALA B 97 2.19 -16.63 -29.35
CA ALA B 97 2.61 -15.90 -30.54
C ALA B 97 1.89 -16.47 -31.78
N GLU B 98 1.27 -15.58 -32.58
CA GLU B 98 0.36 -16.04 -33.61
C GLU B 98 0.99 -15.68 -35.00
N LEU B 99 1.17 -16.64 -35.86
CA LEU B 99 1.77 -16.38 -37.19
C LEU B 99 0.71 -16.79 -38.24
N VAL B 100 0.28 -15.81 -39.00
CA VAL B 100 -0.76 -16.12 -40.01
C VAL B 100 -0.25 -15.70 -41.38
N VAL B 101 -0.66 -16.45 -42.40
CA VAL B 101 -0.13 -16.20 -43.76
C VAL B 101 -1.29 -15.76 -44.67
N GLU B 102 -1.19 -14.53 -45.15
CA GLU B 102 -2.29 -13.96 -45.94
C GLU B 102 -1.75 -13.69 -47.34
N GLY B 103 -2.22 -14.50 -48.29
CA GLY B 103 -1.65 -14.36 -49.66
C GLY B 103 -0.13 -14.34 -49.65
N GLY B 104 0.55 -15.22 -48.94
CA GLY B 104 2.00 -15.20 -48.89
C GLY B 104 2.57 -14.12 -47.99
N VAL B 105 1.80 -13.16 -47.46
CA VAL B 105 2.35 -12.20 -46.52
C VAL B 105 2.23 -12.71 -45.08
N LYS B 106 3.27 -12.64 -44.25
CA LYS B 106 3.26 -13.20 -42.91
C LYS B 106 2.83 -12.15 -41.86
N ARG B 107 1.75 -12.41 -41.13
CA ARG B 107 1.31 -11.42 -40.14
C ARG B 107 1.75 -12.01 -38.78
N ARG B 108 2.39 -11.23 -37.94
CA ARG B 108 2.71 -11.70 -36.58
C ARG B 108 1.99 -10.91 -35.47
N PHE B 109 1.40 -11.66 -34.53
CA PHE B 109 0.67 -10.98 -33.43
C PHE B 109 0.98 -11.62 -32.07
N ASN B 110 0.91 -10.73 -31.03
CA ASN B 110 1.07 -11.27 -29.64
C ASN B 110 -0.38 -11.45 -29.22
N THR B 111 -0.85 -12.69 -29.05
CA THR B 111 -2.28 -12.94 -29.05
C THR B 111 -2.82 -13.56 -27.77
N SER B 112 -4.09 -13.44 -27.47
CA SER B 112 -4.57 -14.21 -26.33
C SER B 112 -5.91 -14.71 -26.76
N ILE B 113 -6.37 -15.86 -26.26
CA ILE B 113 -7.73 -16.32 -26.56
C ILE B 113 -8.50 -16.74 -25.30
N LEU B 114 -9.83 -16.68 -25.31
CA LEU B 114 -10.73 -17.13 -24.29
C LEU B 114 -11.45 -18.38 -24.79
N VAL B 115 -11.45 -19.41 -24.00
CA VAL B 115 -11.91 -20.76 -24.29
C VAL B 115 -12.91 -21.11 -23.19
N ASP B 116 -14.12 -21.40 -23.54
CA ASP B 116 -15.15 -21.61 -22.51
C ASP B 116 -15.01 -23.01 -21.96
N LYS B 117 -15.82 -23.37 -21.00
CA LYS B 117 -15.87 -24.58 -20.23
C LYS B 117 -16.15 -25.81 -21.10
N SER B 118 -16.67 -25.65 -22.30
CA SER B 118 -16.80 -26.71 -23.28
C SER B 118 -15.58 -26.87 -24.16
N GLY B 119 -14.62 -25.96 -24.19
CA GLY B 119 -13.43 -26.10 -25.00
C GLY B 119 -13.59 -25.34 -26.34
N LYS B 120 -14.62 -24.56 -26.50
CA LYS B 120 -14.80 -23.67 -27.66
C LYS B 120 -14.01 -22.37 -27.54
N ILE B 121 -13.27 -21.97 -28.57
CA ILE B 121 -12.57 -20.67 -28.54
C ILE B 121 -13.69 -19.65 -28.76
N VAL B 122 -13.94 -18.76 -27.79
CA VAL B 122 -15.08 -17.84 -28.02
C VAL B 122 -14.60 -16.39 -28.18
N GLY B 123 -13.30 -16.17 -28.15
CA GLY B 123 -12.81 -14.80 -28.42
C GLY B 123 -11.34 -14.69 -28.59
N LYS B 124 -10.85 -13.70 -29.35
CA LYS B 124 -9.43 -13.53 -29.47
C LYS B 124 -9.09 -12.06 -29.30
N TYR B 125 -7.90 -11.72 -28.84
CA TYR B 125 -7.48 -10.35 -28.70
C TYR B 125 -6.06 -10.34 -29.20
N ARG B 126 -5.56 -9.27 -29.81
CA ARG B 126 -4.18 -9.15 -30.24
C ARG B 126 -3.57 -7.87 -29.67
N LYS B 127 -2.42 -8.01 -29.01
CA LYS B 127 -1.80 -6.87 -28.29
C LYS B 127 -1.69 -5.57 -29.07
N ILE B 128 -2.37 -4.56 -28.51
CA ILE B 128 -2.30 -3.24 -29.22
C ILE B 128 -1.19 -2.38 -28.76
N HIS B 129 -0.82 -2.40 -27.47
CA HIS B 129 0.30 -1.52 -27.04
C HIS B 129 1.58 -2.39 -26.88
N LEU B 130 2.42 -2.29 -27.90
CA LEU B 130 3.63 -3.08 -27.97
C LEU B 130 4.76 -2.27 -27.36
N PRO B 131 5.29 -2.71 -26.23
CA PRO B 131 6.30 -1.95 -25.53
C PRO B 131 7.70 -2.12 -26.15
N GLY B 132 8.62 -1.38 -25.55
CA GLY B 132 10.03 -1.63 -25.86
C GLY B 132 10.50 -0.75 -27.02
N HIS B 133 11.56 -1.25 -27.64
CA HIS B 133 12.29 -0.48 -28.64
C HIS B 133 12.34 -1.26 -29.95
N LYS B 134 12.81 -0.55 -30.96
CA LYS B 134 12.77 -0.97 -32.34
C LYS B 134 14.04 -1.56 -32.92
N GLU B 135 15.17 -0.99 -32.58
CA GLU B 135 16.48 -1.38 -33.04
C GLU B 135 17.23 -2.24 -32.04
N TYR B 136 18.22 -3.02 -32.46
CA TYR B 136 19.07 -3.72 -31.47
C TYR B 136 19.83 -2.63 -30.70
N GLU B 137 19.90 -2.79 -29.37
CA GLU B 137 20.55 -1.78 -28.51
C GLU B 137 21.61 -2.46 -27.66
N ALA B 138 22.83 -2.33 -28.13
CA ALA B 138 24.00 -3.01 -27.59
C ALA B 138 24.17 -2.92 -26.08
N TYR B 139 23.99 -1.75 -25.48
CA TYR B 139 24.20 -1.69 -24.02
C TYR B 139 23.21 -2.52 -23.20
N ARG B 140 22.05 -2.91 -23.70
CA ARG B 140 21.15 -3.67 -22.85
C ARG B 140 21.68 -5.06 -22.56
N PRO B 141 21.47 -5.53 -21.33
CA PRO B 141 21.69 -6.91 -20.94
C PRO B 141 20.67 -7.83 -21.60
N PHE B 142 19.50 -7.29 -22.01
CA PHE B 142 18.49 -8.05 -22.76
C PHE B 142 17.67 -7.05 -23.58
N GLN B 143 17.27 -7.47 -24.77
CA GLN B 143 16.49 -6.59 -25.65
C GLN B 143 15.00 -6.63 -25.32
N HIS B 144 14.27 -5.71 -25.92
CA HIS B 144 12.82 -5.79 -25.82
C HIS B 144 12.26 -5.37 -27.17
N LEU B 145 12.19 -6.37 -28.08
CA LEU B 145 11.99 -6.01 -29.48
C LEU B 145 10.61 -6.42 -29.94
N GLU B 146 9.58 -6.20 -29.08
CA GLU B 146 8.24 -6.63 -29.47
C GLU B 146 7.78 -5.86 -30.71
N LYS B 147 8.19 -4.60 -30.86
CA LYS B 147 7.64 -3.84 -32.02
C LYS B 147 8.23 -4.43 -33.32
N ARG B 148 9.37 -5.10 -33.22
CA ARG B 148 9.94 -5.77 -34.40
C ARG B 148 9.27 -7.11 -34.60
N TYR B 149 8.90 -7.85 -33.54
CA TYR B 149 8.38 -9.21 -33.76
C TYR B 149 6.89 -9.35 -33.86
N PHE B 150 6.19 -8.21 -33.63
CA PHE B 150 4.72 -8.31 -33.73
C PHE B 150 4.20 -7.05 -34.40
N GLU B 151 2.97 -7.12 -34.87
CA GLU B 151 2.36 -5.81 -35.26
C GLU B 151 1.24 -5.51 -34.24
N PRO B 152 0.83 -4.25 -34.13
CA PRO B 152 -0.27 -3.93 -33.21
C PRO B 152 -1.50 -4.72 -33.58
N GLY B 153 -2.27 -5.22 -32.62
CA GLY B 153 -3.47 -6.00 -32.93
C GLY B 153 -4.45 -5.18 -33.77
N ASP B 154 -5.37 -5.88 -34.44
CA ASP B 154 -6.33 -5.26 -35.32
C ASP B 154 -7.75 -5.64 -34.86
N LEU B 155 -7.88 -6.14 -33.63
CA LEU B 155 -9.20 -6.54 -33.18
C LEU B 155 -9.84 -5.56 -32.21
N GLY B 156 -9.17 -4.43 -31.97
CA GLY B 156 -9.69 -3.45 -31.02
C GLY B 156 -9.52 -4.09 -29.60
N PHE B 157 -10.36 -3.66 -28.66
CA PHE B 157 -10.37 -4.32 -27.33
C PHE B 157 -11.77 -4.90 -27.14
N PRO B 158 -12.05 -6.11 -27.61
CA PRO B 158 -13.37 -6.70 -27.61
C PRO B 158 -13.74 -7.31 -26.26
N VAL B 159 -15.01 -7.42 -26.06
CA VAL B 159 -15.51 -8.12 -24.82
C VAL B 159 -16.36 -9.28 -25.28
N TYR B 160 -16.23 -10.44 -24.69
CA TYR B 160 -16.97 -11.60 -25.15
C TYR B 160 -17.79 -12.25 -24.06
N ASP B 161 -18.86 -12.95 -24.46
CA ASP B 161 -19.60 -13.78 -23.51
C ASP B 161 -18.86 -15.09 -23.32
N VAL B 162 -18.46 -15.44 -22.09
CA VAL B 162 -17.78 -16.69 -21.83
C VAL B 162 -18.54 -17.39 -20.69
N ASP B 163 -19.35 -18.38 -21.02
CA ASP B 163 -20.13 -19.03 -20.00
C ASP B 163 -20.93 -17.95 -19.31
N ALA B 164 -20.97 -17.78 -18.01
CA ALA B 164 -21.91 -16.75 -17.50
C ALA B 164 -21.47 -15.30 -17.65
N ALA B 165 -20.20 -15.01 -17.86
CA ALA B 165 -19.59 -13.72 -17.79
C ALA B 165 -19.24 -12.97 -19.08
N LYS B 166 -19.11 -11.65 -18.93
CA LYS B 166 -18.66 -10.83 -20.06
C LYS B 166 -17.18 -10.69 -19.79
N MET B 167 -16.28 -11.08 -20.68
CA MET B 167 -14.87 -11.05 -20.40
C MET B 167 -14.10 -10.25 -21.43
N GLY B 168 -13.27 -9.32 -21.01
CA GLY B 168 -12.37 -8.66 -21.96
C GLY B 168 -10.95 -9.19 -21.69
N MET B 169 -10.03 -8.98 -22.63
CA MET B 169 -8.65 -9.38 -22.52
C MET B 169 -7.76 -8.15 -22.59
N PHE B 170 -6.57 -8.22 -21.97
CA PHE B 170 -5.53 -7.27 -22.19
C PHE B 170 -4.27 -8.15 -22.28
N ILE B 171 -3.22 -7.62 -22.82
CA ILE B 171 -1.92 -8.32 -22.85
C ILE B 171 -0.83 -7.37 -22.32
N CYS B 172 -0.25 -7.78 -21.18
CA CYS B 172 0.96 -7.21 -20.60
C CYS B 172 0.97 -5.69 -20.52
N ASN B 173 1.74 -5.00 -21.36
CA ASN B 173 1.85 -3.57 -21.28
C ASN B 173 0.49 -2.88 -21.43
N ASP B 174 -0.46 -3.45 -22.17
CA ASP B 174 -1.79 -2.85 -22.27
C ASP B 174 -2.39 -2.48 -20.91
N ARG B 175 -2.07 -3.22 -19.81
CA ARG B 175 -2.71 -2.93 -18.52
C ARG B 175 -2.37 -1.58 -17.99
N ARG B 176 -1.29 -0.96 -18.41
CA ARG B 176 -0.75 0.28 -17.93
C ARG B 176 -1.50 1.46 -18.55
N TRP B 177 -2.27 1.27 -19.60
CA TRP B 177 -2.97 2.36 -20.29
C TRP B 177 -4.43 2.37 -19.82
N PRO B 178 -4.88 3.48 -19.28
CA PRO B 178 -6.27 3.61 -18.80
C PRO B 178 -7.26 3.37 -19.94
N GLU B 179 -6.84 3.70 -21.19
CA GLU B 179 -7.78 3.51 -22.32
C GLU B 179 -8.08 2.05 -22.53
N THR B 180 -7.09 1.14 -22.38
CA THR B 180 -7.38 -0.29 -22.57
C THR B 180 -8.60 -0.68 -21.75
N TRP B 181 -8.48 -0.40 -20.41
CA TRP B 181 -9.52 -0.71 -19.47
C TRP B 181 -10.85 -0.05 -19.80
N ARG B 182 -10.78 1.25 -20.14
CA ARG B 182 -12.00 2.04 -20.33
C ARG B 182 -12.80 1.58 -21.54
N VAL B 183 -12.07 1.17 -22.60
CA VAL B 183 -12.82 0.70 -23.80
C VAL B 183 -13.62 -0.51 -23.45
N MET B 184 -13.04 -1.51 -22.75
CA MET B 184 -13.76 -2.70 -22.32
C MET B 184 -14.75 -2.38 -21.21
N GLY B 185 -14.45 -1.40 -20.35
CA GLY B 185 -15.50 -1.00 -19.35
C GLY B 185 -16.77 -0.44 -19.99
N LEU B 186 -16.63 0.26 -21.12
CA LEU B 186 -17.74 0.86 -21.85
C LEU B 186 -18.52 -0.19 -22.63
N LYS B 187 -17.97 -1.40 -22.75
CA LYS B 187 -18.64 -2.53 -23.35
C LYS B 187 -19.14 -3.51 -22.27
N GLY B 188 -19.13 -3.09 -21.03
CA GLY B 188 -19.75 -3.85 -19.98
C GLY B 188 -18.96 -5.08 -19.56
N ALA B 189 -17.63 -5.15 -19.66
CA ALA B 189 -16.89 -6.32 -19.17
C ALA B 189 -17.09 -6.39 -17.65
N GLU B 190 -17.15 -7.60 -17.20
CA GLU B 190 -17.32 -7.93 -15.77
C GLU B 190 -15.98 -8.49 -15.30
N ILE B 191 -15.22 -9.08 -16.21
CA ILE B 191 -13.91 -9.61 -15.81
C ILE B 191 -12.97 -9.11 -16.92
N ILE B 192 -11.85 -8.47 -16.61
CA ILE B 192 -10.83 -8.08 -17.60
C ILE B 192 -9.57 -8.85 -17.25
N CYS B 193 -8.94 -9.62 -18.11
CA CYS B 193 -7.91 -10.55 -17.66
C CYS B 193 -6.86 -10.72 -18.75
N GLY B 194 -5.67 -11.16 -18.35
CA GLY B 194 -4.57 -11.17 -19.41
C GLY B 194 -3.33 -11.59 -18.61
N GLY B 195 -2.23 -11.70 -19.36
CA GLY B 195 -0.95 -12.13 -18.87
C GLY B 195 0.12 -11.12 -19.15
N TYR B 196 1.34 -11.41 -18.58
CA TYR B 196 2.41 -10.45 -18.69
C TYR B 196 3.76 -11.16 -18.56
N ASN B 197 4.78 -10.53 -19.15
CA ASN B 197 6.16 -10.90 -18.87
C ASN B 197 6.82 -9.56 -18.53
N THR B 198 7.04 -9.20 -17.29
CA THR B 198 7.56 -7.88 -16.95
C THR B 198 8.89 -7.89 -16.21
N PRO B 199 9.96 -7.53 -16.89
CA PRO B 199 11.26 -7.71 -16.25
C PRO B 199 11.33 -6.77 -15.05
N THR B 200 12.13 -7.14 -14.04
CA THR B 200 12.28 -6.19 -12.93
C THR B 200 13.42 -5.20 -13.12
N HIS B 201 14.10 -5.27 -14.28
CA HIS B 201 15.11 -4.29 -14.62
C HIS B 201 14.72 -3.58 -15.92
N ASN B 202 14.81 -2.29 -16.01
CA ASN B 202 14.47 -1.58 -17.24
C ASN B 202 15.68 -0.74 -17.61
N PRO B 203 16.35 -1.09 -18.73
CA PRO B 203 17.64 -0.49 -19.05
C PRO B 203 17.66 0.98 -19.24
N PRO B 204 16.71 1.63 -19.91
CA PRO B 204 16.75 3.06 -20.11
C PRO B 204 16.29 3.83 -18.87
N VAL B 205 15.50 3.22 -17.95
CA VAL B 205 15.10 3.98 -16.75
C VAL B 205 15.22 3.10 -15.52
N PRO B 206 16.45 2.68 -15.16
CA PRO B 206 16.68 1.74 -14.07
C PRO B 206 16.36 2.36 -12.73
N GLN B 207 16.18 3.70 -12.69
CA GLN B 207 15.75 4.35 -11.47
C GLN B 207 14.30 3.96 -11.18
N HIS B 208 13.52 3.23 -12.01
CA HIS B 208 12.19 2.76 -11.55
C HIS B 208 12.14 1.32 -11.16
N ASP B 209 13.38 0.67 -11.16
CA ASP B 209 13.37 -0.77 -10.98
C ASP B 209 12.71 -1.22 -9.65
N HIS B 210 12.94 -0.48 -8.57
CA HIS B 210 12.44 -0.89 -7.26
C HIS B 210 10.93 -0.54 -7.17
N LEU B 211 10.34 -0.01 -8.25
CA LEU B 211 8.91 0.24 -8.29
C LEU B 211 8.24 -0.76 -9.21
N THR B 212 8.91 -1.84 -9.71
CA THR B 212 8.23 -2.67 -10.71
C THR B 212 6.94 -3.22 -10.19
N SER B 213 6.96 -3.85 -9.02
CA SER B 213 5.71 -4.44 -8.49
C SER B 213 4.68 -3.29 -8.26
N PHE B 214 5.13 -2.19 -7.66
CA PHE B 214 4.19 -1.09 -7.36
C PHE B 214 3.44 -0.71 -8.66
N HIS B 215 4.21 -0.47 -9.73
CA HIS B 215 3.48 0.00 -10.97
C HIS B 215 2.57 -1.03 -11.53
N HIS B 216 2.98 -2.31 -11.49
CA HIS B 216 2.11 -3.39 -11.99
C HIS B 216 0.81 -3.42 -11.21
N LEU B 217 0.96 -3.39 -9.86
CA LEU B 217 -0.27 -3.51 -9.05
C LEU B 217 -1.10 -2.22 -9.14
N LEU B 218 -0.40 -1.10 -9.10
CA LEU B 218 -1.18 0.16 -9.33
C LEU B 218 -2.10 0.03 -10.58
N SER B 219 -1.53 -0.36 -11.69
CA SER B 219 -2.28 -0.45 -12.95
C SER B 219 -3.50 -1.35 -12.85
N MET B 220 -3.33 -2.47 -12.16
CA MET B 220 -4.38 -3.47 -12.04
C MET B 220 -5.48 -2.95 -11.09
N GLN B 221 -5.05 -2.33 -9.99
CA GLN B 221 -6.07 -1.83 -9.06
C GLN B 221 -6.82 -0.66 -9.63
N ALA B 222 -6.13 0.30 -10.28
CA ALA B 222 -6.90 1.48 -10.80
C ALA B 222 -7.88 1.03 -11.87
N GLY B 223 -7.42 0.22 -12.80
CA GLY B 223 -8.20 -0.28 -13.92
C GLY B 223 -9.48 -0.92 -13.49
N SER B 224 -9.34 -1.84 -12.55
CA SER B 224 -10.52 -2.51 -12.02
C SER B 224 -11.47 -1.47 -11.42
N TYR B 225 -11.00 -0.74 -10.44
CA TYR B 225 -11.82 0.29 -9.76
C TYR B 225 -12.55 1.25 -10.65
N GLN B 226 -11.83 1.75 -11.67
CA GLN B 226 -12.45 2.76 -12.55
C GLN B 226 -13.61 2.19 -13.38
N ASN B 227 -13.49 0.92 -13.72
CA ASN B 227 -14.49 0.27 -14.58
C ASN B 227 -15.41 -0.68 -13.87
N GLY B 228 -15.26 -0.76 -12.55
CA GLY B 228 -16.01 -1.69 -11.73
C GLY B 228 -15.84 -3.11 -12.31
N ALA B 229 -14.63 -3.58 -12.59
CA ALA B 229 -14.55 -4.94 -13.14
C ALA B 229 -13.60 -5.81 -12.31
N TRP B 230 -13.94 -7.05 -12.09
CA TRP B 230 -12.95 -7.97 -11.55
C TRP B 230 -11.79 -7.96 -12.59
N SER B 231 -10.58 -8.24 -12.12
CA SER B 231 -9.49 -8.34 -13.10
C SER B 231 -8.52 -9.45 -12.62
N ALA B 232 -7.64 -9.89 -13.53
CA ALA B 232 -6.67 -10.90 -13.11
C ALA B 232 -5.46 -10.81 -14.03
N ALA B 233 -4.27 -10.95 -13.51
CA ALA B 233 -3.05 -10.79 -14.31
C ALA B 233 -2.13 -11.97 -14.01
N ALA B 234 -1.85 -12.72 -15.10
CA ALA B 234 -1.03 -13.93 -14.82
C ALA B 234 0.36 -13.79 -15.43
N GLY B 235 1.36 -13.75 -14.55
CA GLY B 235 2.71 -13.54 -14.96
C GLY B 235 3.39 -14.89 -15.33
N LYS B 236 4.37 -14.70 -16.21
CA LYS B 236 5.40 -15.72 -16.43
C LYS B 236 6.60 -14.96 -15.84
N VAL B 237 7.11 -15.63 -14.74
CA VAL B 237 7.95 -14.98 -13.78
C VAL B 237 9.24 -15.72 -13.36
N GLY B 238 10.06 -15.05 -12.59
CA GLY B 238 11.32 -15.55 -12.08
C GLY B 238 12.46 -15.37 -13.08
N MET B 239 13.62 -16.05 -12.86
CA MET B 239 14.75 -15.85 -13.76
C MET B 239 14.69 -16.70 -15.04
N GLU B 240 14.37 -16.06 -16.16
CA GLU B 240 14.24 -16.80 -17.42
C GLU B 240 15.35 -16.43 -18.39
N GLU B 241 16.27 -17.40 -18.71
CA GLU B 241 17.41 -17.03 -19.57
C GLU B 241 18.18 -15.85 -19.08
N GLY B 242 18.39 -15.72 -17.74
CA GLY B 242 19.17 -14.61 -17.21
C GLY B 242 18.44 -13.31 -16.92
N CYS B 243 17.13 -13.24 -17.19
CA CYS B 243 16.37 -12.02 -17.01
C CYS B 243 15.33 -12.28 -15.92
N MET B 244 15.38 -11.55 -14.84
CA MET B 244 14.37 -11.70 -13.76
C MET B 244 12.98 -11.11 -14.06
N LEU B 245 11.96 -11.92 -14.20
CA LEU B 245 10.60 -11.47 -14.50
C LEU B 245 9.78 -11.30 -13.20
N LEU B 246 9.08 -10.20 -13.12
CA LEU B 246 8.24 -9.89 -11.93
C LEU B 246 7.29 -10.98 -11.62
N GLY B 247 7.02 -11.35 -10.33
CA GLY B 247 5.97 -12.23 -9.97
C GLY B 247 4.68 -11.40 -9.63
N HIS B 248 4.14 -11.63 -8.43
CA HIS B 248 2.97 -10.85 -8.02
C HIS B 248 1.87 -10.92 -9.10
N SER B 249 1.55 -12.17 -9.51
CA SER B 249 0.39 -12.46 -10.30
C SER B 249 -0.77 -12.12 -9.38
N CYS B 250 -1.93 -11.78 -9.95
CA CYS B 250 -2.94 -11.31 -8.99
C CYS B 250 -4.35 -11.41 -9.47
N ILE B 251 -5.32 -11.31 -8.55
CA ILE B 251 -6.75 -11.19 -8.88
C ILE B 251 -7.33 -10.06 -8.09
N VAL B 252 -8.11 -9.21 -8.72
CA VAL B 252 -8.49 -7.93 -8.14
C VAL B 252 -10.00 -7.75 -8.27
N ALA B 253 -10.58 -7.24 -7.20
CA ALA B 253 -12.01 -6.97 -7.13
C ALA B 253 -12.38 -5.70 -7.89
N PRO B 254 -13.69 -5.48 -8.13
CA PRO B 254 -14.21 -4.29 -8.86
C PRO B 254 -14.02 -3.00 -8.12
N THR B 255 -13.66 -3.15 -6.80
CA THR B 255 -13.27 -1.96 -6.04
C THR B 255 -11.77 -1.71 -6.13
N GLY B 256 -10.97 -2.43 -6.90
CA GLY B 256 -9.53 -2.21 -6.86
C GLY B 256 -8.81 -2.88 -5.69
N GLU B 257 -9.50 -3.63 -4.83
CA GLU B 257 -8.81 -4.40 -3.80
C GLU B 257 -8.14 -5.63 -4.42
N ILE B 258 -6.89 -5.92 -4.00
CA ILE B 258 -6.27 -7.20 -4.44
C ILE B 258 -6.78 -8.35 -3.65
N VAL B 259 -7.46 -9.35 -4.17
CA VAL B 259 -8.03 -10.42 -3.39
C VAL B 259 -7.21 -11.68 -3.49
N ALA B 260 -6.22 -11.70 -4.40
CA ALA B 260 -5.37 -12.91 -4.33
C ALA B 260 -4.02 -12.50 -4.92
N LEU B 261 -2.92 -13.13 -4.52
CA LEU B 261 -1.60 -12.70 -4.92
C LEU B 261 -0.63 -13.87 -4.85
N THR B 262 0.24 -13.99 -5.86
CA THR B 262 1.22 -15.10 -5.73
C THR B 262 2.37 -14.60 -4.89
N THR B 263 3.03 -15.54 -4.25
CA THR B 263 4.24 -15.21 -3.49
C THR B 263 5.43 -16.06 -3.87
N THR B 264 5.36 -16.97 -4.83
CA THR B 264 6.55 -17.66 -5.32
C THR B 264 6.86 -17.09 -6.72
N LEU B 265 8.06 -17.44 -7.18
CA LEU B 265 8.40 -17.17 -8.57
C LEU B 265 8.41 -18.50 -9.34
N GLU B 266 7.50 -19.38 -9.14
CA GLU B 266 7.36 -20.67 -9.83
C GLU B 266 5.96 -20.85 -10.39
N ASP B 267 5.61 -21.99 -10.94
CA ASP B 267 4.30 -22.28 -11.42
C ASP B 267 3.41 -22.22 -10.15
N GLU B 268 2.28 -21.54 -10.12
CA GLU B 268 1.55 -21.31 -8.89
C GLU B 268 0.13 -20.98 -9.30
N VAL B 269 -0.87 -21.53 -8.63
CA VAL B 269 -2.25 -21.25 -8.92
C VAL B 269 -2.78 -20.46 -7.73
N ILE B 270 -3.34 -19.30 -8.03
CA ILE B 270 -4.07 -18.54 -7.02
C ILE B 270 -5.52 -18.48 -7.39
N THR B 271 -6.47 -18.34 -6.42
CA THR B 271 -7.86 -18.38 -6.81
C THR B 271 -8.66 -17.40 -5.93
N ALA B 272 -9.80 -16.95 -6.45
CA ALA B 272 -10.67 -16.02 -5.76
C ALA B 272 -12.13 -16.25 -6.14
N ALA B 273 -13.06 -16.06 -5.23
CA ALA B 273 -14.47 -16.19 -5.54
C ALA B 273 -14.95 -14.88 -6.18
N LEU B 274 -15.58 -14.93 -7.31
CA LEU B 274 -16.03 -13.79 -8.06
C LEU B 274 -17.55 -13.82 -8.10
N ASP B 275 -18.12 -12.65 -7.81
CA ASP B 275 -19.58 -12.47 -7.91
C ASP B 275 -19.72 -11.42 -8.99
N LEU B 276 -20.30 -11.78 -10.13
CA LEU B 276 -20.34 -10.78 -11.24
C LEU B 276 -21.27 -9.63 -10.95
N ASP B 277 -22.16 -9.71 -9.95
CA ASP B 277 -23.06 -8.61 -9.63
C ASP B 277 -22.41 -7.59 -8.69
N ARG B 278 -21.21 -7.89 -8.22
CA ARG B 278 -20.45 -6.94 -7.41
C ARG B 278 -20.01 -5.74 -8.26
N CYS B 279 -19.98 -5.92 -9.61
CA CYS B 279 -19.61 -4.83 -10.49
C CYS B 279 -20.53 -3.62 -10.28
N ARG B 280 -21.81 -3.88 -10.01
CA ARG B 280 -22.83 -2.90 -9.70
C ARG B 280 -22.49 -1.93 -8.61
N GLU B 281 -21.68 -2.26 -7.61
CA GLU B 281 -21.34 -1.35 -6.53
C GLU B 281 -20.63 -0.11 -7.03
N LEU B 282 -20.02 -0.23 -8.20
CA LEU B 282 -19.34 0.89 -8.82
C LEU B 282 -20.18 1.39 -10.03
N ARG B 283 -20.62 0.43 -10.87
CA ARG B 283 -21.19 0.92 -12.15
C ARG B 283 -22.62 1.42 -12.04
N GLU B 284 -23.27 1.27 -10.90
CA GLU B 284 -24.61 1.83 -10.71
C GLU B 284 -24.56 3.00 -9.75
N HIS B 285 -23.36 3.40 -9.30
CA HIS B 285 -23.17 4.36 -8.25
C HIS B 285 -22.13 5.38 -8.65
N ILE B 286 -20.92 5.41 -8.04
CA ILE B 286 -19.99 6.48 -8.32
C ILE B 286 -19.57 6.46 -9.78
N PHE B 287 -19.49 5.36 -10.40
CA PHE B 287 -19.11 5.23 -11.86
C PHE B 287 -20.26 4.64 -12.63
N ASN B 288 -21.45 5.22 -12.33
CA ASN B 288 -22.64 4.99 -13.17
C ASN B 288 -22.36 5.90 -14.37
N PHE B 289 -21.92 5.32 -15.49
CA PHE B 289 -21.49 6.12 -16.62
C PHE B 289 -22.63 6.96 -17.24
N LYS B 290 -23.86 6.46 -17.23
CA LYS B 290 -24.89 7.35 -17.90
C LYS B 290 -25.19 8.53 -17.02
N ALA B 291 -25.03 8.35 -15.67
CA ALA B 291 -25.36 9.44 -14.77
C ALA B 291 -24.25 10.47 -14.69
N HIS B 292 -22.99 10.01 -14.74
CA HIS B 292 -21.87 10.87 -14.42
C HIS B 292 -20.80 11.05 -15.47
N ARG B 293 -20.67 10.11 -16.40
CA ARG B 293 -19.52 10.31 -17.33
C ARG B 293 -19.76 11.43 -18.28
N GLN B 294 -18.75 12.06 -18.82
CA GLN B 294 -18.95 13.26 -19.70
C GLN B 294 -18.13 13.14 -20.95
N PRO B 295 -18.52 12.26 -21.87
CA PRO B 295 -17.68 11.98 -23.05
C PRO B 295 -17.62 13.09 -24.04
N GLN B 296 -18.65 14.02 -23.98
CA GLN B 296 -18.58 15.16 -24.90
C GLN B 296 -17.41 16.04 -24.55
N HIS B 297 -16.76 15.90 -23.37
CA HIS B 297 -15.55 16.70 -23.15
C HIS B 297 -14.26 15.89 -23.20
N TYR B 298 -14.28 14.64 -23.67
CA TYR B 298 -13.12 13.79 -23.71
C TYR B 298 -12.57 13.59 -25.12
N GLY B 299 -13.04 14.47 -26.00
CA GLY B 299 -12.57 14.30 -27.42
C GLY B 299 -11.09 14.16 -27.69
N LEU B 300 -10.21 14.92 -27.06
CA LEU B 300 -8.77 14.87 -27.29
C LEU B 300 -8.25 13.47 -27.16
N ILE B 301 -8.82 12.68 -26.25
CA ILE B 301 -8.40 11.30 -26.08
C ILE B 301 -8.47 10.47 -27.34
N ALA B 302 -9.43 10.72 -28.21
CA ALA B 302 -9.65 9.85 -29.39
C ALA B 302 -9.14 10.54 -30.68
N GLU B 303 -8.40 11.62 -30.54
CA GLU B 303 -7.84 12.26 -31.75
C GLU B 303 -6.58 11.59 -32.25
N PHE B 304 -6.43 11.39 -33.58
CA PHE B 304 -5.20 10.81 -34.12
C PHE B 304 -4.85 11.30 -35.54
N ARG C 3 3.25 -31.17 4.07
CA ARG C 3 3.69 -29.76 4.43
C ARG C 3 2.99 -28.65 3.64
N GLN C 4 2.21 -29.11 2.67
CA GLN C 4 1.48 -28.10 1.87
C GLN C 4 0.03 -28.21 2.33
N MET C 5 -0.72 -27.14 2.36
CA MET C 5 -2.09 -27.22 2.81
C MET C 5 -2.88 -26.03 2.20
N ILE C 6 -4.17 -26.13 2.20
CA ILE C 6 -5.03 -25.01 1.84
C ILE C 6 -5.65 -24.45 3.12
N LEU C 7 -5.31 -23.21 3.46
CA LEU C 7 -5.80 -22.53 4.64
C LEU C 7 -6.94 -21.61 4.24
N ALA C 8 -7.88 -21.44 5.16
CA ALA C 8 -8.93 -20.47 4.82
C ALA C 8 -9.27 -19.61 5.99
N VAL C 9 -10.06 -18.59 5.69
CA VAL C 9 -10.66 -17.74 6.67
C VAL C 9 -12.17 -17.73 6.40
N GLY C 10 -12.93 -17.94 7.48
CA GLY C 10 -14.37 -17.86 7.35
C GLY C 10 -14.81 -16.58 8.01
N GLN C 11 -14.83 -15.47 7.24
CA GLN C 11 -15.29 -14.23 7.86
C GLN C 11 -16.80 -14.37 8.18
N GLN C 12 -17.24 -13.66 9.18
CA GLN C 12 -18.64 -13.59 9.51
C GLN C 12 -19.17 -12.18 9.28
N GLY C 13 -20.34 -12.20 8.66
CA GLY C 13 -21.10 -10.88 8.60
C GLY C 13 -21.73 -10.77 9.99
N PRO C 14 -22.57 -9.77 10.21
CA PRO C 14 -23.12 -9.42 11.49
C PRO C 14 -23.88 -10.50 12.23
N ILE C 15 -23.77 -10.48 13.56
CA ILE C 15 -24.50 -11.45 14.38
C ILE C 15 -25.41 -10.63 15.33
N ALA C 16 -26.70 -10.76 15.01
CA ALA C 16 -27.69 -10.03 15.77
C ALA C 16 -27.80 -10.53 17.21
N ARG C 17 -28.25 -9.59 18.04
CA ARG C 17 -28.35 -9.76 19.48
C ARG C 17 -29.15 -10.97 19.90
N ALA C 18 -30.17 -11.29 19.15
CA ALA C 18 -31.04 -12.40 19.42
C ALA C 18 -30.94 -13.48 18.36
N GLU C 19 -29.94 -13.35 17.46
CA GLU C 19 -29.79 -14.45 16.49
C GLU C 19 -29.35 -15.60 17.39
N THR C 20 -29.85 -16.81 17.31
CA THR C 20 -29.50 -17.89 18.18
C THR C 20 -28.19 -18.57 17.80
N ARG C 21 -27.59 -19.34 18.72
CA ARG C 21 -26.37 -20.10 18.35
C ARG C 21 -26.68 -21.07 17.24
N GLU C 22 -27.88 -21.69 17.26
CA GLU C 22 -28.29 -22.56 16.16
C GLU C 22 -28.19 -21.89 14.80
N GLN C 23 -28.71 -20.66 14.74
CA GLN C 23 -28.58 -19.89 13.49
C GLN C 23 -27.12 -19.60 13.14
N VAL C 24 -26.35 -19.14 14.17
CA VAL C 24 -24.91 -18.90 13.85
C VAL C 24 -24.24 -20.13 13.39
N VAL C 25 -24.42 -21.27 14.08
CA VAL C 25 -23.83 -22.56 13.71
C VAL C 25 -24.11 -23.01 12.30
N GLY C 26 -25.33 -22.73 11.88
CA GLY C 26 -25.90 -22.99 10.57
C GLY C 26 -25.10 -22.12 9.56
N ARG C 27 -24.80 -20.90 9.97
CA ARG C 27 -24.01 -20.05 9.02
C ARG C 27 -22.61 -20.62 8.89
N LEU C 28 -22.07 -20.99 10.08
CA LEU C 28 -20.73 -21.62 10.06
C LEU C 28 -20.70 -22.85 9.21
N LEU C 29 -21.75 -23.75 9.35
CA LEU C 29 -21.76 -24.96 8.52
C LEU C 29 -21.72 -24.62 7.03
N ASP C 30 -22.40 -23.58 6.63
CA ASP C 30 -22.40 -23.18 5.18
C ASP C 30 -21.03 -22.78 4.66
N MET C 31 -20.33 -22.07 5.59
CA MET C 31 -18.95 -21.75 5.18
C MET C 31 -18.10 -22.98 5.09
N LEU C 32 -18.31 -23.98 5.97
CA LEU C 32 -17.49 -25.21 5.84
C LEU C 32 -17.72 -25.99 4.54
N THR C 33 -19.00 -25.98 4.13
CA THR C 33 -19.29 -26.57 2.79
C THR C 33 -18.53 -25.89 1.70
N ASN C 34 -18.60 -24.52 1.74
CA ASN C 34 -17.87 -23.70 0.73
C ASN C 34 -16.42 -24.01 0.77
N ALA C 35 -15.83 -24.08 2.03
CA ALA C 35 -14.40 -24.34 2.19
C ALA C 35 -13.99 -25.65 1.58
N ALA C 36 -14.75 -26.71 1.89
CA ALA C 36 -14.56 -28.06 1.35
C ALA C 36 -14.57 -28.11 -0.15
N SER C 37 -15.43 -27.31 -0.80
CA SER C 37 -15.48 -27.21 -2.27
C SER C 37 -14.22 -26.57 -2.83
N ARG C 38 -13.43 -25.85 -2.02
CA ARG C 38 -12.22 -25.20 -2.43
C ARG C 38 -10.95 -25.86 -1.89
N GLY C 39 -11.17 -27.13 -1.45
CA GLY C 39 -10.03 -27.97 -1.10
C GLY C 39 -9.42 -27.53 0.25
N VAL C 40 -10.09 -26.80 1.10
CA VAL C 40 -9.46 -26.26 2.32
C VAL C 40 -9.16 -27.42 3.29
N ASN C 41 -8.09 -27.33 4.05
CA ASN C 41 -7.77 -28.21 5.14
C ASN C 41 -8.05 -27.63 6.51
N PHE C 42 -7.85 -26.30 6.65
CA PHE C 42 -8.08 -25.65 7.97
C PHE C 42 -8.80 -24.32 7.73
N ILE C 43 -9.75 -23.98 8.56
CA ILE C 43 -10.44 -22.69 8.44
C ILE C 43 -10.48 -21.92 9.77
N VAL C 44 -10.16 -20.64 9.75
CA VAL C 44 -10.10 -19.73 10.86
C VAL C 44 -11.43 -18.97 10.92
N PHE C 45 -12.14 -18.98 12.03
CA PHE C 45 -13.35 -18.25 12.34
C PHE C 45 -13.05 -17.11 13.28
N PRO C 46 -13.95 -16.12 13.44
CA PRO C 46 -13.69 -14.91 14.13
C PRO C 46 -13.61 -15.02 15.66
N GLU C 47 -13.23 -13.94 16.27
CA GLU C 47 -13.26 -13.88 17.75
C GLU C 47 -14.76 -13.84 18.15
N LEU C 48 -15.11 -14.50 19.29
CA LEU C 48 -16.48 -14.39 19.78
C LEU C 48 -17.50 -14.66 18.66
N ALA C 49 -17.29 -15.78 17.97
CA ALA C 49 -17.99 -16.12 16.76
C ALA C 49 -19.39 -16.76 16.93
N LEU C 50 -19.82 -16.95 18.18
CA LEU C 50 -21.12 -17.62 18.37
C LEU C 50 -22.23 -16.64 18.65
N THR C 51 -21.90 -15.41 19.05
CA THR C 51 -22.84 -14.36 19.42
C THR C 51 -22.51 -12.96 18.91
N THR C 52 -23.40 -11.98 19.14
CA THR C 52 -23.21 -10.61 18.81
C THR C 52 -22.02 -10.12 19.64
N PHE C 53 -21.44 -8.98 19.30
CA PHE C 53 -20.29 -8.50 20.06
C PHE C 53 -20.87 -7.80 21.30
N PHE C 54 -21.11 -8.58 22.36
CA PHE C 54 -21.75 -8.11 23.57
C PHE C 54 -20.99 -7.19 24.47
N PRO C 55 -19.69 -6.95 24.37
CA PRO C 55 -18.97 -5.95 25.16
C PRO C 55 -19.23 -4.53 24.69
N ARG C 56 -20.02 -4.32 23.64
CA ARG C 56 -20.42 -2.96 23.27
C ARG C 56 -21.47 -2.37 24.24
N TRP C 57 -22.06 -3.18 25.11
CA TRP C 57 -23.11 -2.68 25.99
C TRP C 57 -22.69 -2.79 27.45
N HIS C 58 -23.37 -1.95 28.21
CA HIS C 58 -23.24 -1.93 29.65
C HIS C 58 -24.25 -2.90 30.26
N PHE C 59 -23.74 -3.96 30.88
CA PHE C 59 -24.64 -4.95 31.47
C PHE C 59 -24.87 -4.66 32.95
N THR C 60 -26.10 -4.78 33.43
CA THR C 60 -26.36 -4.58 34.86
C THR C 60 -26.94 -5.87 35.47
N ASP C 61 -27.26 -6.83 34.63
CA ASP C 61 -27.80 -8.11 35.09
C ASP C 61 -26.86 -9.27 34.77
N GLU C 62 -26.49 -10.00 35.81
CA GLU C 62 -25.60 -11.14 35.65
C GLU C 62 -26.13 -12.18 34.69
N ALA C 63 -27.39 -12.56 34.81
CA ALA C 63 -27.95 -13.57 33.93
C ALA C 63 -27.86 -13.15 32.46
N GLU C 64 -28.11 -11.86 32.23
CA GLU C 64 -28.07 -11.30 30.89
C GLU C 64 -26.63 -11.45 30.38
N LEU C 65 -25.63 -11.00 31.13
CA LEU C 65 -24.26 -11.16 30.66
C LEU C 65 -23.92 -12.60 30.40
N ASP C 66 -24.24 -13.50 31.36
CA ASP C 66 -23.84 -14.89 31.30
C ASP C 66 -24.33 -15.63 30.08
N SER C 67 -25.48 -15.25 29.56
CA SER C 67 -26.12 -15.91 28.45
C SER C 67 -25.24 -15.83 27.20
N PHE C 68 -24.32 -14.87 27.14
CA PHE C 68 -23.43 -14.86 25.96
C PHE C 68 -22.22 -15.77 26.13
N TYR C 69 -22.06 -16.53 27.22
CA TYR C 69 -20.89 -17.38 27.39
C TYR C 69 -21.13 -18.85 27.20
N GLU C 70 -20.11 -19.60 26.80
CA GLU C 70 -20.14 -21.04 26.69
C GLU C 70 -19.75 -21.55 28.11
N THR C 71 -20.47 -22.56 28.59
CA THR C 71 -20.10 -23.19 29.85
C THR C 71 -19.48 -24.51 29.52
N GLU C 72 -19.61 -24.94 28.28
CA GLU C 72 -19.02 -26.18 27.80
C GLU C 72 -18.55 -25.95 26.36
N MET C 73 -17.67 -26.76 25.82
CA MET C 73 -17.29 -26.61 24.41
C MET C 73 -17.00 -27.97 23.83
N PRO C 74 -17.85 -28.41 22.90
CA PRO C 74 -19.05 -27.72 22.52
C PRO C 74 -20.29 -28.10 23.33
N GLY C 75 -21.28 -27.26 23.32
CA GLY C 75 -22.60 -27.66 23.86
C GLY C 75 -23.30 -28.43 22.72
N PRO C 76 -24.47 -28.99 22.99
CA PRO C 76 -25.32 -29.56 21.97
C PRO C 76 -25.47 -28.71 20.71
N VAL C 77 -25.72 -27.41 20.83
CA VAL C 77 -26.04 -26.60 19.66
C VAL C 77 -24.81 -26.41 18.75
N VAL C 78 -23.68 -26.32 19.44
CA VAL C 78 -22.41 -26.10 18.75
C VAL C 78 -21.86 -27.40 18.27
N ARG C 79 -22.22 -28.55 18.87
CA ARG C 79 -21.76 -29.85 18.41
C ARG C 79 -21.76 -30.13 16.92
N PRO C 80 -22.80 -29.85 16.16
CA PRO C 80 -22.82 -30.12 14.73
C PRO C 80 -21.73 -29.40 13.96
N LEU C 81 -21.10 -28.33 14.47
CA LEU C 81 -19.97 -27.66 13.79
C LEU C 81 -18.79 -28.62 13.80
N PHE C 82 -18.61 -29.19 15.01
CA PHE C 82 -17.52 -30.15 15.19
C PHE C 82 -17.76 -31.43 14.42
N GLU C 83 -18.98 -31.97 14.49
CA GLU C 83 -19.28 -33.17 13.66
C GLU C 83 -19.09 -32.95 12.15
N THR C 84 -19.56 -31.83 11.59
CA THR C 84 -19.39 -31.66 10.13
C THR C 84 -17.99 -31.40 9.65
N ALA C 85 -17.28 -30.58 10.47
CA ALA C 85 -15.89 -30.22 10.20
C ALA C 85 -15.11 -31.49 10.22
N ALA C 86 -15.31 -32.30 11.32
CA ALA C 86 -14.55 -33.53 11.36
C ALA C 86 -14.95 -34.52 10.23
N GLU C 87 -16.24 -34.51 9.84
CA GLU C 87 -16.62 -35.40 8.71
C GLU C 87 -15.89 -34.96 7.46
N LEU C 88 -15.87 -33.64 7.23
CA LEU C 88 -15.19 -33.10 6.04
C LEU C 88 -13.67 -33.26 6.11
N GLY C 89 -13.07 -33.41 7.29
CA GLY C 89 -11.62 -33.48 7.45
C GLY C 89 -11.05 -32.04 7.41
N ILE C 90 -11.67 -31.09 8.04
CA ILE C 90 -11.17 -29.70 8.08
C ILE C 90 -11.00 -29.26 9.53
N GLY C 91 -9.78 -28.87 9.90
CA GLY C 91 -9.51 -28.32 11.25
C GLY C 91 -10.08 -26.90 11.28
N PHE C 92 -10.29 -26.33 12.48
CA PHE C 92 -10.73 -24.97 12.57
C PHE C 92 -10.32 -24.24 13.86
N ASN C 93 -10.30 -22.91 13.78
CA ASN C 93 -9.93 -22.11 14.93
C ASN C 93 -11.23 -21.42 15.28
N LEU C 94 -11.80 -21.61 16.44
CA LEU C 94 -13.05 -20.95 16.79
C LEU C 94 -12.85 -20.03 17.97
N GLY C 95 -13.41 -18.82 17.96
CA GLY C 95 -13.38 -17.92 19.11
C GLY C 95 -14.76 -17.86 19.81
N TYR C 96 -14.71 -17.84 21.17
CA TYR C 96 -16.00 -17.79 21.88
C TYR C 96 -15.75 -17.27 23.30
N ALA C 97 -16.83 -16.91 23.99
CA ALA C 97 -16.69 -16.38 25.36
C ALA C 97 -16.82 -17.51 26.37
N GLU C 98 -15.80 -17.68 27.24
CA GLU C 98 -15.70 -18.82 28.08
C GLU C 98 -16.08 -18.43 29.51
N LEU C 99 -16.94 -19.21 30.09
CA LEU C 99 -17.32 -18.96 31.49
C LEU C 99 -17.02 -20.23 32.30
N VAL C 100 -16.26 -20.10 33.37
CA VAL C 100 -15.92 -21.29 34.18
C VAL C 100 -16.05 -20.96 35.68
N VAL C 101 -16.59 -21.86 36.47
CA VAL C 101 -16.87 -21.58 37.90
C VAL C 101 -15.89 -22.34 38.77
N GLU C 102 -14.97 -21.65 39.46
CA GLU C 102 -13.94 -22.28 40.30
C GLU C 102 -14.22 -21.98 41.78
N GLY C 103 -14.71 -22.98 42.48
CA GLY C 103 -15.19 -22.83 43.86
C GLY C 103 -16.12 -21.64 44.05
N GLY C 104 -17.19 -21.57 43.27
CA GLY C 104 -18.16 -20.50 43.35
C GLY C 104 -17.74 -19.23 42.65
N VAL C 105 -16.47 -18.99 42.30
CA VAL C 105 -16.08 -17.77 41.63
C VAL C 105 -16.17 -17.96 40.10
N LYS C 106 -16.81 -17.01 39.43
CA LYS C 106 -16.92 -17.09 37.95
C LYS C 106 -15.67 -16.56 37.27
N ARG C 107 -14.99 -17.35 36.45
CA ARG C 107 -13.85 -16.76 35.72
C ARG C 107 -14.39 -16.41 34.33
N ARG C 108 -13.94 -15.39 33.66
CA ARG C 108 -14.45 -15.10 32.28
C ARG C 108 -13.29 -14.84 31.33
N PHE C 109 -13.26 -15.56 30.22
CA PHE C 109 -12.17 -15.36 29.27
C PHE C 109 -12.76 -15.12 27.85
N ASN C 110 -11.99 -14.42 27.00
CA ASN C 110 -12.37 -14.29 25.56
C ASN C 110 -11.40 -15.28 24.92
N THR C 111 -11.91 -16.42 24.45
CA THR C 111 -11.08 -17.56 24.16
C THR C 111 -11.03 -18.00 22.72
N SER C 112 -10.08 -18.86 22.39
CA SER C 112 -10.12 -19.45 21.07
C SER C 112 -9.51 -20.82 21.18
N ILE C 113 -10.01 -21.77 20.42
CA ILE C 113 -9.51 -23.12 20.39
C ILE C 113 -9.07 -23.58 18.98
N LEU C 114 -8.07 -24.44 18.95
CA LEU C 114 -7.67 -25.10 17.71
C LEU C 114 -8.25 -26.51 17.73
N VAL C 115 -8.92 -26.89 16.68
CA VAL C 115 -9.59 -28.21 16.57
C VAL C 115 -8.93 -28.88 15.36
N ASP C 116 -8.39 -30.08 15.46
CA ASP C 116 -7.71 -30.71 14.33
C ASP C 116 -8.71 -31.39 13.41
N LYS C 117 -8.28 -31.95 12.31
CA LYS C 117 -9.15 -32.53 11.29
C LYS C 117 -9.92 -33.74 11.80
N SER C 118 -9.62 -34.27 12.98
CA SER C 118 -10.36 -35.40 13.51
C SER C 118 -11.40 -34.90 14.48
N GLY C 119 -11.42 -33.57 14.71
CA GLY C 119 -12.47 -33.11 15.63
C GLY C 119 -11.93 -33.06 17.06
N LYS C 120 -10.64 -33.25 17.31
CA LYS C 120 -10.13 -33.15 18.68
C LYS C 120 -9.69 -31.69 19.02
N ILE C 121 -10.10 -31.16 20.14
CA ILE C 121 -9.63 -29.81 20.57
C ILE C 121 -8.19 -29.99 21.00
N VAL C 122 -7.23 -29.50 20.22
CA VAL C 122 -5.82 -29.71 20.53
C VAL C 122 -5.15 -28.48 21.16
N GLY C 123 -5.87 -27.38 21.35
CA GLY C 123 -5.17 -26.28 22.08
C GLY C 123 -6.11 -25.14 22.38
N LYS C 124 -5.74 -24.34 23.43
CA LYS C 124 -6.65 -23.21 23.68
C LYS C 124 -5.77 -22.03 23.95
N TYR C 125 -6.37 -20.84 23.79
CA TYR C 125 -5.63 -19.62 24.07
C TYR C 125 -6.66 -18.71 24.67
N ARG C 126 -6.27 -17.77 25.51
CA ARG C 126 -7.21 -16.86 26.13
C ARG C 126 -6.61 -15.47 25.97
N LYS C 127 -7.38 -14.53 25.50
CA LYS C 127 -6.93 -13.20 25.12
C LYS C 127 -6.13 -12.54 26.22
N ILE C 128 -4.89 -12.16 25.88
CA ILE C 128 -4.00 -11.50 26.89
C ILE C 128 -4.09 -9.98 26.84
N HIS C 129 -4.27 -9.34 25.71
CA HIS C 129 -4.38 -7.88 25.59
C HIS C 129 -5.83 -7.48 25.32
N LEU C 130 -6.50 -7.12 26.41
CA LEU C 130 -7.92 -6.72 26.38
C LEU C 130 -7.94 -5.24 26.11
N PRO C 131 -8.50 -4.82 24.97
CA PRO C 131 -8.53 -3.43 24.60
C PRO C 131 -9.71 -2.70 25.25
N GLY C 132 -9.84 -1.37 25.02
CA GLY C 132 -11.09 -0.75 25.50
C GLY C 132 -10.95 -0.18 26.90
N HIS C 133 -12.05 0.25 27.48
CA HIS C 133 -12.02 0.99 28.75
C HIS C 133 -12.66 0.16 29.85
N LYS C 134 -12.48 0.54 31.12
CA LYS C 134 -13.00 -0.33 32.19
C LYS C 134 -14.34 0.12 32.77
N GLU C 135 -14.71 1.37 32.56
CA GLU C 135 -16.07 1.71 33.07
C GLU C 135 -16.89 2.42 32.01
N TYR C 136 -18.21 2.37 32.20
CA TYR C 136 -19.10 3.03 31.22
C TYR C 136 -18.68 4.44 30.90
N GLU C 137 -18.63 4.76 29.59
CA GLU C 137 -18.30 6.12 29.18
C GLU C 137 -19.44 6.67 28.32
N ALA C 138 -20.25 7.55 28.90
CA ALA C 138 -21.46 8.11 28.34
C ALA C 138 -21.38 8.64 26.92
N TYR C 139 -20.34 9.39 26.53
CA TYR C 139 -20.33 9.96 25.18
C TYR C 139 -20.26 8.87 24.10
N ARG C 140 -19.57 7.78 24.36
CA ARG C 140 -19.41 6.82 23.29
C ARG C 140 -20.79 6.41 22.75
N PRO C 141 -20.89 6.31 21.45
CA PRO C 141 -22.03 5.68 20.79
C PRO C 141 -22.16 4.20 21.11
N PHE C 142 -21.08 3.44 21.26
CA PHE C 142 -21.03 2.07 21.71
C PHE C 142 -19.88 1.95 22.73
N GLN C 143 -19.99 1.05 23.71
CA GLN C 143 -18.94 0.93 24.70
C GLN C 143 -17.91 -0.08 24.18
N HIS C 144 -16.83 -0.24 24.92
CA HIS C 144 -15.82 -1.26 24.60
C HIS C 144 -15.37 -1.78 25.98
N LEU C 145 -16.20 -2.67 26.53
CA LEU C 145 -16.04 -3.09 27.92
C LEU C 145 -15.44 -4.43 28.12
N GLU C 146 -14.46 -4.79 27.24
CA GLU C 146 -13.83 -6.10 27.37
C GLU C 146 -13.14 -6.28 28.70
N LYS C 147 -12.49 -5.22 29.22
CA LYS C 147 -11.75 -5.39 30.47
C LYS C 147 -12.71 -5.75 31.61
N ARG C 148 -13.90 -5.19 31.58
CA ARG C 148 -14.90 -5.58 32.56
C ARG C 148 -15.45 -6.98 32.36
N TYR C 149 -15.67 -7.47 31.15
CA TYR C 149 -16.32 -8.78 30.96
C TYR C 149 -15.44 -9.98 30.86
N PHE C 150 -14.13 -9.71 30.81
CA PHE C 150 -13.16 -10.82 30.72
C PHE C 150 -11.98 -10.44 31.58
N GLU C 151 -11.18 -11.44 31.95
CA GLU C 151 -9.91 -11.10 32.62
C GLU C 151 -8.86 -11.56 31.60
N PRO C 152 -7.66 -11.04 31.74
CA PRO C 152 -6.61 -11.37 30.77
C PRO C 152 -6.30 -12.85 30.87
N GLY C 153 -5.89 -13.41 29.76
CA GLY C 153 -5.68 -14.85 29.72
C GLY C 153 -4.52 -15.34 30.58
N ASP C 154 -4.62 -16.66 30.82
CA ASP C 154 -3.70 -17.26 31.76
C ASP C 154 -2.98 -18.42 31.10
N LEU C 155 -2.95 -18.38 29.75
CA LEU C 155 -2.17 -19.50 29.15
C LEU C 155 -0.94 -19.04 28.38
N GLY C 156 -0.55 -17.77 28.58
CA GLY C 156 0.53 -17.16 27.83
C GLY C 156 0.17 -17.23 26.30
N PHE C 157 1.20 -17.31 25.47
CA PHE C 157 0.93 -17.44 24.02
C PHE C 157 1.56 -18.77 23.57
N PRO C 158 0.75 -19.82 23.62
CA PRO C 158 1.18 -21.16 23.29
C PRO C 158 1.19 -21.49 21.80
N VAL C 159 2.02 -22.40 21.36
CA VAL C 159 2.04 -22.89 19.96
C VAL C 159 1.73 -24.38 20.04
N TYR C 160 0.86 -24.89 19.22
CA TYR C 160 0.45 -26.27 19.25
C TYR C 160 0.62 -26.98 17.92
N ASP C 161 0.80 -28.29 18.02
CA ASP C 161 0.80 -29.17 16.86
C ASP C 161 -0.62 -29.42 16.40
N VAL C 162 -0.96 -29.09 15.13
CA VAL C 162 -2.32 -29.27 14.67
C VAL C 162 -2.17 -30.06 13.36
N ASP C 163 -2.48 -31.34 13.39
CA ASP C 163 -2.25 -32.14 12.16
C ASP C 163 -0.84 -31.91 11.68
N ALA C 164 -0.54 -31.48 10.45
CA ALA C 164 0.88 -31.31 10.12
C ALA C 164 1.59 -30.08 10.69
N ALA C 165 0.83 -29.12 11.23
CA ALA C 165 1.39 -27.80 11.44
C ALA C 165 1.59 -27.27 12.87
N LYS C 166 2.61 -26.43 13.00
CA LYS C 166 2.71 -25.72 14.29
C LYS C 166 1.89 -24.47 14.25
N MET C 167 0.88 -24.36 15.12
CA MET C 167 0.02 -23.16 15.07
C MET C 167 -0.15 -22.38 16.37
N GLY C 168 0.01 -21.05 16.30
CA GLY C 168 -0.18 -20.18 17.45
C GLY C 168 -1.47 -19.37 17.22
N MET C 169 -2.13 -18.99 18.30
CA MET C 169 -3.31 -18.16 18.22
C MET C 169 -3.10 -16.76 18.75
N PHE C 170 -3.86 -15.79 18.21
CA PHE C 170 -3.97 -14.46 18.79
C PHE C 170 -5.44 -14.11 18.80
N ILE C 171 -5.90 -13.19 19.60
CA ILE C 171 -7.29 -12.74 19.49
C ILE C 171 -7.34 -11.24 19.35
N CYS C 172 -7.93 -10.74 18.23
CA CYS C 172 -8.24 -9.32 18.02
C CYS C 172 -7.14 -8.33 18.36
N ASN C 173 -7.21 -7.40 19.28
CA ASN C 173 -6.18 -6.43 19.60
C ASN C 173 -4.80 -7.01 19.85
N ASP C 174 -4.60 -8.27 20.24
CA ASP C 174 -3.36 -8.99 20.40
C ASP C 174 -2.49 -8.86 19.14
N ARG C 175 -3.14 -8.77 17.93
CA ARG C 175 -2.31 -8.76 16.72
C ARG C 175 -1.53 -7.47 16.60
N ARG C 176 -1.95 -6.43 17.34
CA ARG C 176 -1.23 -5.16 17.25
C ARG C 176 0.08 -5.09 18.06
N TRP C 177 0.36 -6.08 18.92
CA TRP C 177 1.56 -5.94 19.79
C TRP C 177 2.60 -6.82 19.17
N PRO C 178 3.79 -6.35 18.81
CA PRO C 178 4.81 -7.17 18.24
C PRO C 178 5.20 -8.32 19.19
N GLU C 179 4.95 -8.09 20.50
CA GLU C 179 5.28 -9.17 21.45
C GLU C 179 4.40 -10.39 21.25
N THR C 180 3.14 -10.28 20.92
CA THR C 180 2.32 -11.49 20.65
C THR C 180 2.96 -12.38 19.62
N TRP C 181 3.30 -11.77 18.47
CA TRP C 181 3.91 -12.48 17.36
C TRP C 181 5.30 -13.04 17.70
N ARG C 182 6.13 -12.24 18.41
CA ARG C 182 7.47 -12.69 18.70
C ARG C 182 7.48 -13.89 19.61
N VAL C 183 6.65 -13.93 20.65
CA VAL C 183 6.64 -15.10 21.58
C VAL C 183 6.33 -16.39 20.88
N MET C 184 5.33 -16.36 19.97
CA MET C 184 5.00 -17.51 19.12
C MET C 184 6.01 -17.67 18.02
N GLY C 185 6.68 -16.62 17.52
CA GLY C 185 7.73 -16.91 16.49
C GLY C 185 8.96 -17.64 17.09
N LEU C 186 9.24 -17.28 18.33
CA LEU C 186 10.35 -17.88 19.10
C LEU C 186 10.05 -19.30 19.50
N LYS C 187 8.80 -19.71 19.52
CA LYS C 187 8.35 -21.08 19.68
C LYS C 187 8.10 -21.77 18.33
N GLY C 188 8.54 -21.28 17.20
CA GLY C 188 8.45 -22.05 15.94
C GLY C 188 7.10 -22.02 15.26
N ALA C 189 6.15 -21.13 15.68
CA ALA C 189 4.87 -21.20 14.97
C ALA C 189 5.09 -21.03 13.46
N GLU C 190 4.38 -21.82 12.68
CA GLU C 190 4.40 -21.72 11.22
C GLU C 190 3.16 -20.95 10.74
N ILE C 191 2.06 -21.10 11.44
CA ILE C 191 0.83 -20.35 11.20
C ILE C 191 0.46 -19.61 12.49
N ILE C 192 0.18 -18.34 12.40
CA ILE C 192 -0.33 -17.59 13.57
C ILE C 192 -1.72 -17.13 13.18
N CYS C 193 -2.80 -17.45 13.86
CA CYS C 193 -4.10 -17.08 13.38
C CYS C 193 -5.09 -16.73 14.47
N GLY C 194 -6.19 -16.07 14.03
CA GLY C 194 -7.10 -15.68 15.17
C GLY C 194 -8.15 -14.79 14.52
N GLY C 195 -9.00 -14.25 15.32
CA GLY C 195 -10.22 -13.58 14.76
C GLY C 195 -10.35 -12.24 15.40
N TYR C 196 -11.24 -11.38 14.90
CA TYR C 196 -11.34 -10.00 15.39
C TYR C 196 -12.74 -9.45 15.17
N ASN C 197 -12.98 -8.42 15.98
CA ASN C 197 -14.14 -7.54 15.94
C ASN C 197 -13.64 -6.09 16.11
N THR C 198 -13.41 -5.41 15.00
CA THR C 198 -12.78 -4.09 15.00
C THR C 198 -13.65 -2.99 14.44
N PRO C 199 -14.22 -2.21 15.34
CA PRO C 199 -15.06 -1.10 14.88
C PRO C 199 -14.25 -0.15 14.02
N THR C 200 -14.89 0.45 13.00
CA THR C 200 -14.27 1.43 12.14
C THR C 200 -14.44 2.87 12.66
N HIS C 201 -15.08 3.04 13.80
CA HIS C 201 -15.13 4.25 14.56
C HIS C 201 -14.53 4.05 15.96
N ASN C 202 -13.64 4.91 16.40
CA ASN C 202 -13.07 4.72 17.75
C ASN C 202 -13.34 5.99 18.52
N PRO C 203 -14.21 5.98 19.52
CA PRO C 203 -14.64 7.23 20.13
C PRO C 203 -13.58 8.17 20.64
N PRO C 204 -12.58 7.71 21.37
CA PRO C 204 -11.55 8.59 21.90
C PRO C 204 -10.60 9.16 20.87
N VAL C 205 -10.33 8.46 19.75
CA VAL C 205 -9.39 8.95 18.76
C VAL C 205 -10.04 8.74 17.39
N PRO C 206 -11.11 9.50 17.08
CA PRO C 206 -11.86 9.33 15.83
C PRO C 206 -11.06 9.80 14.64
N GLN C 207 -9.97 10.52 14.88
CA GLN C 207 -9.11 10.97 13.81
C GLN C 207 -8.25 9.82 13.26
N HIS C 208 -8.30 8.58 13.84
CA HIS C 208 -7.61 7.49 13.13
C HIS C 208 -8.66 6.61 12.41
N ASP C 209 -9.96 6.98 12.40
CA ASP C 209 -10.96 6.05 11.87
C ASP C 209 -10.74 5.69 10.38
N HIS C 210 -10.30 6.66 9.57
CA HIS C 210 -10.00 6.36 8.17
C HIS C 210 -8.72 5.52 8.00
N LEU C 211 -7.97 5.23 9.06
CA LEU C 211 -6.83 4.29 9.01
C LEU C 211 -7.12 2.92 9.57
N THR C 212 -8.41 2.58 9.84
CA THR C 212 -8.73 1.32 10.48
C THR C 212 -8.22 0.10 9.69
N SER C 213 -8.59 0.03 8.40
CA SER C 213 -8.02 -1.05 7.56
C SER C 213 -6.48 -0.96 7.59
N PHE C 214 -5.95 0.21 7.26
CA PHE C 214 -4.48 0.37 7.30
C PHE C 214 -3.81 -0.24 8.53
N HIS C 215 -4.30 0.13 9.75
CA HIS C 215 -3.63 -0.42 10.96
C HIS C 215 -3.77 -1.91 11.21
N HIS C 216 -4.94 -2.41 10.78
CA HIS C 216 -5.19 -3.86 10.82
C HIS C 216 -4.20 -4.58 9.91
N LEU C 217 -4.20 -4.19 8.61
CA LEU C 217 -3.27 -4.94 7.73
C LEU C 217 -1.82 -4.76 8.11
N LEU C 218 -1.43 -3.50 8.35
CA LEU C 218 -0.04 -3.26 8.80
C LEU C 218 0.31 -4.24 9.92
N SER C 219 -0.47 -4.39 10.97
CA SER C 219 -0.13 -5.29 12.06
C SER C 219 0.10 -6.71 11.55
N MET C 220 -0.82 -7.20 10.72
CA MET C 220 -0.75 -8.53 10.12
C MET C 220 0.50 -8.68 9.23
N GLN C 221 0.72 -7.70 8.36
CA GLN C 221 1.90 -7.87 7.50
C GLN C 221 3.21 -7.86 8.28
N ALA C 222 3.34 -6.97 9.24
CA ALA C 222 4.58 -6.79 10.00
C ALA C 222 4.85 -8.03 10.86
N GLY C 223 3.84 -8.51 11.53
CA GLY C 223 3.91 -9.67 12.41
C GLY C 223 4.40 -10.90 11.66
N SER C 224 3.74 -11.20 10.51
CA SER C 224 4.12 -12.28 9.66
C SER C 224 5.57 -12.12 9.17
N TYR C 225 5.93 -11.03 8.56
CA TYR C 225 7.28 -10.80 8.04
C TYR C 225 8.35 -10.97 9.15
N GLN C 226 8.12 -10.34 10.28
CA GLN C 226 9.18 -10.46 11.32
C GLN C 226 9.45 -11.84 11.87
N ASN C 227 8.46 -12.72 11.89
CA ASN C 227 8.61 -14.06 12.44
C ASN C 227 8.61 -15.13 11.39
N GLY C 228 8.49 -14.73 10.11
CA GLY C 228 8.52 -15.79 9.11
C GLY C 228 7.30 -16.70 9.29
N ALA C 229 6.12 -16.18 9.58
CA ALA C 229 5.00 -17.12 9.76
C ALA C 229 3.86 -16.77 8.78
N TRP C 230 3.16 -17.80 8.31
CA TRP C 230 1.89 -17.52 7.61
C TRP C 230 0.93 -17.05 8.72
N SER C 231 0.07 -16.14 8.28
CA SER C 231 -0.97 -15.75 9.26
C SER C 231 -2.34 -15.63 8.63
N ALA C 232 -3.32 -15.51 9.56
CA ALA C 232 -4.69 -15.32 9.03
C ALA C 232 -5.56 -14.63 10.07
N ALA C 233 -6.35 -13.65 9.66
CA ALA C 233 -7.20 -12.96 10.68
C ALA C 233 -8.62 -13.03 10.14
N ALA C 234 -9.57 -13.48 10.96
CA ALA C 234 -10.95 -13.68 10.54
C ALA C 234 -11.85 -12.68 11.23
N GLY C 235 -12.32 -11.70 10.44
CA GLY C 235 -13.24 -10.72 10.99
C GLY C 235 -14.68 -11.12 11.18
N LYS C 236 -15.35 -10.54 12.19
CA LYS C 236 -16.82 -10.62 12.17
C LYS C 236 -17.07 -9.16 11.88
N VAL C 237 -17.77 -8.88 10.73
CA VAL C 237 -17.70 -7.57 10.10
C VAL C 237 -19.10 -6.97 9.71
N GLY C 238 -19.07 -5.74 9.30
CA GLY C 238 -20.36 -5.15 8.81
C GLY C 238 -21.10 -4.49 9.96
N MET C 239 -22.38 -4.13 9.66
CA MET C 239 -23.12 -3.27 10.60
C MET C 239 -23.84 -4.09 11.63
N GLU C 240 -23.27 -4.21 12.83
CA GLU C 240 -23.83 -5.19 13.77
C GLU C 240 -24.33 -4.39 14.98
N GLU C 241 -25.65 -4.41 15.07
CA GLU C 241 -26.40 -3.70 16.12
C GLU C 241 -26.07 -2.23 16.04
N GLY C 242 -25.96 -1.70 14.80
CA GLY C 242 -25.67 -0.29 14.70
C GLY C 242 -24.19 0.09 14.68
N CYS C 243 -23.24 -0.79 14.98
CA CYS C 243 -21.82 -0.47 15.00
C CYS C 243 -21.11 -1.08 13.76
N MET C 244 -20.50 -0.30 12.90
CA MET C 244 -19.88 -0.89 11.71
C MET C 244 -18.56 -1.60 12.05
N LEU C 245 -18.43 -2.87 11.79
CA LEU C 245 -17.16 -3.58 12.03
C LEU C 245 -16.30 -3.66 10.74
N LEU C 246 -14.98 -3.46 10.96
CA LEU C 246 -14.11 -3.60 9.78
C LEU C 246 -14.15 -4.97 9.14
N GLY C 247 -14.14 -5.02 7.79
CA GLY C 247 -13.93 -6.25 7.02
C GLY C 247 -12.44 -6.44 6.75
N HIS C 248 -12.07 -6.75 5.51
CA HIS C 248 -10.65 -6.99 5.23
C HIS C 248 -10.07 -8.13 6.09
N SER C 249 -10.78 -9.26 6.10
CA SER C 249 -10.20 -10.49 6.72
C SER C 249 -9.08 -10.89 5.76
N CYS C 250 -8.00 -11.53 6.20
CA CYS C 250 -6.90 -11.75 5.25
C CYS C 250 -6.14 -13.01 5.63
N ILE C 251 -5.29 -13.41 4.69
CA ILE C 251 -4.29 -14.47 4.90
C ILE C 251 -3.01 -13.80 4.38
N VAL C 252 -1.85 -14.10 4.99
CA VAL C 252 -0.64 -13.36 4.83
C VAL C 252 0.50 -14.42 4.78
N ALA C 253 1.39 -14.17 3.86
CA ALA C 253 2.52 -15.12 3.74
C ALA C 253 3.58 -14.74 4.78
N PRO C 254 4.59 -15.60 4.94
CA PRO C 254 5.73 -15.33 5.81
C PRO C 254 6.65 -14.24 5.35
N THR C 255 6.52 -13.74 4.13
CA THR C 255 7.12 -12.48 3.75
C THR C 255 6.32 -11.24 4.10
N GLY C 256 5.15 -11.29 4.68
CA GLY C 256 4.26 -10.18 4.99
C GLY C 256 3.40 -9.77 3.80
N GLU C 257 3.52 -10.51 2.68
CA GLU C 257 2.60 -10.24 1.55
C GLU C 257 1.20 -10.75 1.86
N ILE C 258 0.16 -9.90 1.57
CA ILE C 258 -1.23 -10.40 1.73
C ILE C 258 -1.60 -11.30 0.54
N VAL C 259 -1.90 -12.56 0.75
CA VAL C 259 -2.21 -13.45 -0.37
C VAL C 259 -3.69 -13.64 -0.53
N ALA C 260 -4.57 -13.30 0.47
CA ALA C 260 -6.00 -13.43 0.26
C ALA C 260 -6.66 -12.32 1.11
N LEU C 261 -7.70 -11.69 0.59
CA LEU C 261 -8.36 -10.57 1.24
C LEU C 261 -9.85 -10.69 0.98
N THR C 262 -10.72 -10.43 2.01
CA THR C 262 -12.15 -10.46 1.71
C THR C 262 -12.59 -9.11 1.14
N THR C 263 -13.65 -9.14 0.31
CA THR C 263 -14.09 -7.82 -0.21
C THR C 263 -15.54 -7.55 0.09
N THR C 264 -16.27 -8.41 0.80
CA THR C 264 -17.62 -8.09 1.19
C THR C 264 -17.69 -7.79 2.70
N LEU C 265 -18.88 -7.45 3.22
CA LEU C 265 -19.00 -7.37 4.68
C LEU C 265 -20.08 -8.38 5.07
N GLU C 266 -20.06 -9.55 4.47
CA GLU C 266 -20.92 -10.67 4.83
C GLU C 266 -20.14 -11.93 5.11
N ASP C 267 -20.82 -13.05 5.41
CA ASP C 267 -20.11 -14.32 5.54
C ASP C 267 -19.36 -14.56 4.23
N GLU C 268 -18.10 -14.89 4.32
CA GLU C 268 -17.28 -14.99 3.09
C GLU C 268 -16.16 -15.94 3.41
N VAL C 269 -15.77 -16.80 2.50
CA VAL C 269 -14.63 -17.65 2.70
C VAL C 269 -13.51 -17.24 1.79
N ILE C 270 -12.28 -17.02 2.33
CA ILE C 270 -11.19 -16.78 1.39
C ILE C 270 -10.17 -17.90 1.59
N THR C 271 -9.37 -18.27 0.60
CA THR C 271 -8.40 -19.34 0.82
C THR C 271 -7.07 -19.01 0.20
N ALA C 272 -6.05 -19.75 0.66
CA ALA C 272 -4.71 -19.60 0.11
C ALA C 272 -3.91 -20.88 0.31
N ALA C 273 -3.06 -21.17 -0.66
CA ALA C 273 -2.20 -22.36 -0.56
C ALA C 273 -1.04 -22.00 0.36
N LEU C 274 -0.81 -22.86 1.39
CA LEU C 274 0.31 -22.61 2.27
C LEU C 274 1.32 -23.79 2.24
N ASP C 275 2.56 -23.35 2.19
CA ASP C 275 3.68 -24.28 2.15
C ASP C 275 4.45 -24.02 3.47
N LEU C 276 4.27 -24.93 4.40
CA LEU C 276 4.87 -24.76 5.75
C LEU C 276 6.38 -24.68 5.74
N ASP C 277 7.05 -25.13 4.69
CA ASP C 277 8.47 -24.93 4.45
C ASP C 277 8.86 -23.54 4.00
N ARG C 278 7.96 -22.62 3.67
CA ARG C 278 8.24 -21.28 3.24
C ARG C 278 8.72 -20.33 4.35
N CYS C 279 8.51 -20.74 5.59
CA CYS C 279 8.87 -19.95 6.77
C CYS C 279 10.38 -19.73 6.85
N ARG C 280 11.14 -20.65 6.28
CA ARG C 280 12.56 -20.71 6.12
C ARG C 280 13.17 -19.60 5.30
N GLU C 281 12.39 -18.99 4.41
CA GLU C 281 12.92 -17.91 3.61
C GLU C 281 13.37 -16.75 4.48
N LEU C 282 12.62 -16.58 5.58
CA LEU C 282 12.97 -15.56 6.55
C LEU C 282 13.82 -16.17 7.69
N ARG C 283 13.32 -17.30 8.18
CA ARG C 283 13.83 -17.82 9.47
C ARG C 283 15.18 -18.49 9.34
N GLU C 284 15.63 -18.84 8.12
CA GLU C 284 16.96 -19.39 7.96
C GLU C 284 17.90 -18.28 7.52
N HIS C 285 17.33 -17.14 7.10
CA HIS C 285 18.08 -16.06 6.51
C HIS C 285 17.99 -14.75 7.26
N ILE C 286 17.23 -13.75 6.79
CA ILE C 286 17.31 -12.42 7.36
C ILE C 286 16.95 -12.41 8.85
N PHE C 287 15.99 -13.24 9.21
CA PHE C 287 15.57 -13.33 10.62
C PHE C 287 15.99 -14.65 11.19
N ASN C 288 17.23 -15.06 10.88
CA ASN C 288 17.77 -16.30 11.48
C ASN C 288 18.06 -15.88 12.92
N PHE C 289 17.15 -16.35 13.81
CA PHE C 289 17.19 -15.82 15.15
C PHE C 289 18.53 -16.13 15.83
N LYS C 290 18.96 -17.38 15.71
CA LYS C 290 20.20 -17.87 16.34
C LYS C 290 21.39 -17.04 15.86
N ALA C 291 21.44 -16.75 14.55
CA ALA C 291 22.51 -15.94 13.99
C ALA C 291 22.49 -14.46 14.24
N HIS C 292 21.29 -13.88 14.32
CA HIS C 292 21.12 -12.44 14.27
C HIS C 292 20.48 -11.72 15.44
N ARG C 293 19.58 -12.36 16.11
CA ARG C 293 18.90 -11.72 17.25
C ARG C 293 19.83 -11.52 18.43
N GLN C 294 19.65 -10.48 19.23
CA GLN C 294 20.42 -10.08 20.38
C GLN C 294 19.60 -9.85 21.66
N PRO C 295 19.15 -10.96 22.29
CA PRO C 295 18.25 -10.90 23.42
C PRO C 295 18.78 -10.33 24.70
N GLN C 296 20.11 -10.35 24.79
CA GLN C 296 20.90 -9.78 25.86
C GLN C 296 20.63 -8.30 25.96
N HIS C 297 20.27 -7.60 24.86
CA HIS C 297 19.91 -6.20 24.93
C HIS C 297 18.41 -5.90 24.79
N TYR C 298 17.55 -6.89 24.94
CA TYR C 298 16.11 -6.76 24.84
C TYR C 298 15.46 -6.92 26.19
N GLY C 299 16.32 -6.91 27.23
CA GLY C 299 15.78 -7.14 28.59
C GLY C 299 14.72 -6.18 29.04
N LEU C 300 14.63 -4.90 28.70
CA LEU C 300 13.61 -3.97 29.09
C LEU C 300 12.21 -4.36 28.62
N ILE C 301 12.17 -5.14 27.53
CA ILE C 301 10.87 -5.57 26.96
C ILE C 301 10.18 -6.44 28.01
N ALA C 302 10.96 -7.26 28.69
CA ALA C 302 10.32 -8.20 29.65
C ALA C 302 10.26 -7.66 31.08
N GLU C 303 10.67 -6.44 31.39
CA GLU C 303 10.58 -5.87 32.73
C GLU C 303 9.15 -5.55 33.15
N PHE C 304 8.80 -5.90 34.42
CA PHE C 304 7.42 -5.68 34.86
C PHE C 304 7.24 -5.74 36.40
N ARG D 3 7.83 22.10 20.99
CA ARG D 3 7.14 20.80 20.69
C ARG D 3 6.84 20.54 19.21
N GLN D 4 6.98 21.52 18.36
CA GLN D 4 6.81 21.35 16.94
C GLN D 4 8.07 21.78 16.21
N MET D 5 8.46 21.02 15.22
CA MET D 5 9.69 21.24 14.48
C MET D 5 9.46 20.78 13.05
N ILE D 6 10.46 21.00 12.24
CA ILE D 6 10.53 20.48 10.91
C ILE D 6 11.76 19.52 10.94
N LEU D 7 11.43 18.26 10.67
CA LEU D 7 12.46 17.23 10.52
C LEU D 7 12.78 16.94 9.08
N ALA D 8 14.05 16.68 8.75
CA ALA D 8 14.47 16.39 7.40
C ALA D 8 15.26 15.10 7.32
N VAL D 9 15.27 14.56 6.11
CA VAL D 9 16.08 13.40 5.79
C VAL D 9 16.94 13.94 4.65
N GLY D 10 18.21 13.62 4.84
CA GLY D 10 19.20 13.92 3.84
C GLY D 10 19.71 12.70 3.15
N GLN D 11 19.09 12.26 2.07
CA GLN D 11 19.47 11.09 1.34
C GLN D 11 20.73 11.33 0.52
N GLN D 12 21.61 10.29 0.49
CA GLN D 12 22.79 10.50 -0.34
C GLN D 12 22.69 9.59 -1.53
N GLY D 13 23.09 10.12 -2.69
CA GLY D 13 23.21 9.14 -3.80
C GLY D 13 24.63 8.51 -3.55
N PRO D 14 25.12 7.77 -4.50
CA PRO D 14 26.34 6.98 -4.39
C PRO D 14 27.59 7.75 -4.00
N ILE D 15 28.42 7.02 -3.23
CA ILE D 15 29.71 7.63 -2.85
C ILE D 15 30.77 6.71 -3.51
N ALA D 16 31.57 7.20 -4.42
CA ALA D 16 32.49 6.32 -5.12
C ALA D 16 33.62 5.84 -4.21
N ARG D 17 34.32 4.80 -4.66
CA ARG D 17 35.48 4.32 -3.93
C ARG D 17 36.61 5.34 -3.85
N ALA D 18 36.76 6.23 -4.83
CA ALA D 18 37.78 7.25 -4.87
C ALA D 18 37.33 8.63 -4.42
N GLU D 19 36.01 8.67 -4.10
CA GLU D 19 35.45 9.98 -3.78
C GLU D 19 35.93 10.24 -2.36
N THR D 20 36.41 11.41 -2.19
CA THR D 20 37.01 11.92 -0.96
C THR D 20 36.10 12.27 0.17
N ARG D 21 36.62 12.20 1.42
CA ARG D 21 35.81 12.71 2.52
C ARG D 21 35.45 14.18 2.33
N GLU D 22 36.41 14.96 1.79
CA GLU D 22 36.13 16.38 1.58
C GLU D 22 34.98 16.55 0.56
N GLN D 23 34.97 15.74 -0.47
CA GLN D 23 33.89 15.83 -1.48
C GLN D 23 32.55 15.40 -0.91
N VAL D 24 32.58 14.32 -0.09
CA VAL D 24 31.36 13.84 0.58
C VAL D 24 30.85 14.85 1.58
N VAL D 25 31.70 15.54 2.32
CA VAL D 25 31.25 16.61 3.22
C VAL D 25 30.69 17.79 2.44
N GLY D 26 31.30 18.16 1.29
CA GLY D 26 30.69 19.30 0.50
C GLY D 26 29.25 18.96 0.07
N ARG D 27 29.01 17.71 -0.41
CA ARG D 27 27.62 17.25 -0.65
C ARG D 27 26.75 17.33 0.58
N LEU D 28 27.27 16.94 1.77
CA LEU D 28 26.41 17.04 2.99
C LEU D 28 26.05 18.47 3.20
N LEU D 29 27.08 19.36 3.09
CA LEU D 29 26.90 20.77 3.35
C LEU D 29 25.82 21.35 2.44
N ASP D 30 25.80 20.95 1.19
CA ASP D 30 24.81 21.48 0.22
C ASP D 30 23.42 21.02 0.65
N MET D 31 23.36 19.81 1.24
CA MET D 31 22.03 19.38 1.73
C MET D 31 21.60 20.16 2.94
N LEU D 32 22.54 20.52 3.83
CA LEU D 32 22.21 21.35 4.98
C LEU D 32 21.64 22.71 4.59
N THR D 33 22.25 23.29 3.55
CA THR D 33 21.74 24.63 3.17
C THR D 33 20.40 24.52 2.44
N ASN D 34 20.17 23.44 1.70
CA ASN D 34 18.86 23.24 1.08
C ASN D 34 17.86 23.03 2.19
N ALA D 35 18.22 22.27 3.26
CA ALA D 35 17.43 22.12 4.46
C ALA D 35 17.12 23.40 5.12
N ALA D 36 18.17 24.23 5.39
CA ALA D 36 17.91 25.55 5.95
C ALA D 36 16.95 26.43 5.15
N SER D 37 17.00 26.43 3.84
CA SER D 37 15.95 27.18 3.08
C SER D 37 14.53 26.68 3.27
N ARG D 38 14.34 25.46 3.80
CA ARG D 38 13.00 24.86 3.90
C ARG D 38 12.58 24.77 5.35
N GLY D 39 13.21 25.61 6.20
CA GLY D 39 12.84 25.69 7.59
C GLY D 39 13.23 24.50 8.48
N VAL D 40 14.14 23.65 8.07
CA VAL D 40 14.46 22.45 8.86
C VAL D 40 15.23 22.76 10.14
N ASN D 41 14.93 22.00 11.18
CA ASN D 41 15.55 22.09 12.48
C ASN D 41 16.43 20.86 12.78
N PHE D 42 16.22 19.74 12.13
CA PHE D 42 17.03 18.53 12.43
C PHE D 42 17.10 17.78 11.13
N ILE D 43 18.24 17.23 10.77
CA ILE D 43 18.34 16.44 9.54
C ILE D 43 19.04 15.10 9.82
N VAL D 44 18.46 14.00 9.35
CA VAL D 44 19.01 12.67 9.38
C VAL D 44 19.79 12.31 8.14
N PHE D 45 21.05 11.92 8.30
CA PHE D 45 21.92 11.45 7.21
C PHE D 45 22.16 9.95 7.32
N PRO D 46 22.62 9.28 6.28
CA PRO D 46 22.73 7.88 6.14
C PRO D 46 23.79 7.20 7.05
N GLU D 47 23.65 5.91 7.03
CA GLU D 47 24.62 5.04 7.74
C GLU D 47 25.91 5.10 6.94
N LEU D 48 27.05 5.09 7.69
CA LEU D 48 28.36 5.14 7.05
C LEU D 48 28.33 6.22 5.96
N ALA D 49 27.97 7.43 6.33
CA ALA D 49 27.76 8.52 5.42
C ALA D 49 29.03 9.16 4.82
N LEU D 50 30.21 8.85 5.40
CA LEU D 50 31.42 9.53 4.92
C LEU D 50 32.20 8.82 3.84
N THR D 51 31.96 7.57 3.52
CA THR D 51 32.63 6.74 2.59
C THR D 51 31.70 5.87 1.77
N THR D 52 32.24 5.20 0.76
CA THR D 52 31.50 4.21 0.01
C THR D 52 31.11 3.08 0.94
N PHE D 53 30.29 2.11 0.48
CA PHE D 53 29.89 1.03 1.42
C PHE D 53 30.97 -0.06 1.30
N PHE D 54 32.04 0.07 2.09
CA PHE D 54 33.18 -0.84 2.02
C PHE D 54 32.93 -2.25 2.43
N PRO D 55 31.99 -2.64 3.31
CA PRO D 55 31.69 -4.02 3.62
C PRO D 55 31.23 -4.84 2.46
N ARG D 56 31.01 -4.28 1.26
CA ARG D 56 30.74 -5.19 0.14
C ARG D 56 32.01 -5.94 -0.28
N TRP D 57 33.21 -5.55 0.10
CA TRP D 57 34.45 -6.19 -0.32
C TRP D 57 35.20 -6.94 0.77
N HIS D 58 35.92 -7.97 0.32
CA HIS D 58 36.77 -8.74 1.23
C HIS D 58 38.14 -8.08 1.35
N PHE D 59 38.57 -7.66 2.54
CA PHE D 59 39.84 -6.94 2.66
C PHE D 59 40.97 -7.78 3.25
N THR D 60 42.16 -7.64 2.68
CA THR D 60 43.34 -8.34 3.16
C THR D 60 44.31 -7.43 3.90
N ASP D 61 44.48 -6.21 3.40
CA ASP D 61 45.38 -5.23 3.97
C ASP D 61 44.72 -4.35 5.01
N GLU D 62 44.94 -4.65 6.29
CA GLU D 62 44.36 -3.93 7.41
C GLU D 62 44.33 -2.42 7.26
N ALA D 63 45.47 -1.79 7.03
CA ALA D 63 45.56 -0.36 6.79
C ALA D 63 44.55 0.14 5.75
N GLU D 64 44.42 -0.52 4.62
CA GLU D 64 43.47 -0.26 3.55
C GLU D 64 42.05 -0.25 4.12
N LEU D 65 41.76 -1.19 4.99
CA LEU D 65 40.45 -1.29 5.66
C LEU D 65 40.30 -0.17 6.65
N ASP D 66 41.38 0.09 7.39
CA ASP D 66 41.35 1.07 8.45
C ASP D 66 41.07 2.48 7.95
N SER D 67 41.52 2.85 6.75
CA SER D 67 41.29 4.19 6.23
C SER D 67 39.79 4.52 6.07
N PHE D 68 38.92 3.54 6.00
CA PHE D 68 37.47 3.81 5.95
C PHE D 68 36.88 4.20 7.29
N TYR D 69 37.63 4.13 8.39
CA TYR D 69 37.15 4.41 9.73
C TYR D 69 37.59 5.77 10.22
N GLU D 70 36.86 6.40 11.11
CA GLU D 70 37.11 7.63 11.77
C GLU D 70 37.81 7.26 13.11
N THR D 71 38.76 8.09 13.51
CA THR D 71 39.41 7.86 14.80
C THR D 71 39.02 8.98 15.76
N GLU D 72 38.50 10.05 15.13
CA GLU D 72 38.03 11.20 15.86
C GLU D 72 36.65 11.60 15.25
N MET D 73 35.81 12.24 16.05
CA MET D 73 34.58 12.80 15.46
C MET D 73 34.25 14.15 16.06
N PRO D 74 34.37 15.23 15.30
CA PRO D 74 34.89 15.17 13.95
C PRO D 74 36.40 15.39 13.81
N GLY D 75 36.94 15.00 12.67
CA GLY D 75 38.29 15.39 12.29
C GLY D 75 38.24 16.72 11.52
N PRO D 76 39.42 17.22 11.15
CA PRO D 76 39.52 18.46 10.43
C PRO D 76 38.62 18.48 9.20
N VAL D 77 38.45 17.44 8.41
CA VAL D 77 37.65 17.45 7.21
C VAL D 77 36.13 17.43 7.41
N VAL D 78 35.67 16.89 8.53
CA VAL D 78 34.29 16.71 8.89
C VAL D 78 33.88 17.87 9.78
N ARG D 79 34.93 18.62 10.23
CA ARG D 79 34.57 19.77 11.04
C ARG D 79 33.59 20.79 10.47
N PRO D 80 33.77 21.22 9.25
CA PRO D 80 32.89 22.22 8.62
C PRO D 80 31.41 21.83 8.60
N LEU D 81 31.11 20.54 8.53
CA LEU D 81 29.71 20.09 8.65
C LEU D 81 29.17 20.52 10.00
N PHE D 82 29.93 20.26 11.10
CA PHE D 82 29.53 20.61 12.44
C PHE D 82 29.45 22.11 12.69
N GLU D 83 30.41 22.83 12.15
CA GLU D 83 30.41 24.29 12.23
C GLU D 83 29.25 24.92 11.45
N THR D 84 29.01 24.42 10.26
CA THR D 84 27.88 24.99 9.49
C THR D 84 26.56 24.62 10.13
N ALA D 85 26.43 23.35 10.56
CA ALA D 85 25.16 22.94 11.17
C ALA D 85 24.94 23.84 12.36
N ALA D 86 25.93 24.02 13.26
CA ALA D 86 25.66 24.93 14.38
C ALA D 86 25.41 26.40 13.97
N GLU D 87 26.02 26.85 12.90
CA GLU D 87 25.81 28.21 12.40
C GLU D 87 24.34 28.36 11.91
N LEU D 88 23.83 27.36 11.19
CA LEU D 88 22.43 27.43 10.67
C LEU D 88 21.47 27.14 11.79
N GLY D 89 22.01 26.49 12.85
CA GLY D 89 21.25 26.07 14.00
C GLY D 89 20.34 24.89 13.58
N ILE D 90 20.95 23.91 12.91
CA ILE D 90 20.21 22.66 12.64
C ILE D 90 20.98 21.49 13.26
N GLY D 91 20.32 20.59 13.91
CA GLY D 91 20.80 19.38 14.53
C GLY D 91 20.97 18.29 13.51
N PHE D 92 21.80 17.25 13.72
CA PHE D 92 21.81 16.22 12.68
C PHE D 92 22.19 14.83 13.26
N ASN D 93 21.83 13.79 12.49
CA ASN D 93 22.18 12.41 12.84
C ASN D 93 23.23 12.03 11.79
N LEU D 94 24.46 11.63 12.17
CA LEU D 94 25.42 11.29 11.14
C LEU D 94 25.89 9.85 11.38
N GLY D 95 25.98 9.08 10.35
CA GLY D 95 26.48 7.72 10.45
C GLY D 95 27.94 7.66 9.98
N TYR D 96 28.77 6.80 10.62
CA TYR D 96 30.14 6.61 10.11
C TYR D 96 30.86 5.43 10.79
N ALA D 97 31.90 4.94 10.16
CA ALA D 97 32.68 3.83 10.76
C ALA D 97 33.65 4.35 11.80
N GLU D 98 33.67 3.75 13.01
CA GLU D 98 34.40 4.22 14.15
C GLU D 98 35.47 3.17 14.52
N LEU D 99 36.68 3.63 14.77
CA LEU D 99 37.75 2.67 15.22
C LEU D 99 38.21 3.10 16.59
N VAL D 100 38.07 2.26 17.64
CA VAL D 100 38.54 2.63 18.96
C VAL D 100 39.49 1.49 19.43
N VAL D 101 40.70 1.96 19.79
CA VAL D 101 41.65 0.99 20.39
C VAL D 101 41.49 1.03 21.88
N GLU D 102 41.06 -0.02 22.54
CA GLU D 102 41.00 -0.01 24.01
C GLU D 102 41.44 -1.38 24.62
N GLY D 103 42.44 -1.27 25.53
CA GLY D 103 42.94 -2.47 26.20
C GLY D 103 43.52 -3.48 25.24
N GLY D 104 44.32 -3.10 24.26
CA GLY D 104 44.89 -4.07 23.35
C GLY D 104 43.94 -4.62 22.30
N VAL D 105 42.75 -4.03 22.08
CA VAL D 105 41.79 -4.65 21.11
C VAL D 105 41.39 -3.50 20.16
N LYS D 106 41.38 -3.75 18.87
CA LYS D 106 41.02 -2.68 17.93
C LYS D 106 39.49 -2.79 17.75
N ARG D 107 38.71 -1.89 18.35
CA ARG D 107 37.26 -2.16 18.25
C ARG D 107 36.73 -1.43 17.03
N ARG D 108 35.95 -2.13 16.21
CA ARG D 108 35.38 -1.51 15.00
C ARG D 108 33.85 -1.40 15.15
N PHE D 109 33.28 -0.19 15.02
CA PHE D 109 31.81 -0.09 15.22
C PHE D 109 31.17 0.65 14.04
N ASN D 110 29.94 0.27 13.77
CA ASN D 110 29.16 0.96 12.73
C ASN D 110 28.31 1.92 13.55
N THR D 111 28.61 3.21 13.62
CA THR D 111 28.09 4.14 14.61
C THR D 111 27.22 5.31 14.09
N SER D 112 26.42 5.91 14.97
CA SER D 112 25.77 7.12 14.51
C SER D 112 25.76 8.03 15.70
N ILE D 113 25.80 9.35 15.47
CA ILE D 113 25.65 10.30 16.56
C ILE D 113 24.53 11.32 16.41
N LEU D 114 23.95 11.78 17.49
CA LEU D 114 23.05 12.91 17.47
C LEU D 114 23.84 14.16 17.84
N VAL D 115 23.72 15.23 17.08
CA VAL D 115 24.26 16.55 17.33
C VAL D 115 23.13 17.57 17.42
N ASP D 116 22.96 18.25 18.56
CA ASP D 116 21.90 19.22 18.71
C ASP D 116 22.16 20.51 17.94
N LYS D 117 21.17 21.42 17.94
CA LYS D 117 21.26 22.62 17.09
C LYS D 117 22.42 23.59 17.40
N SER D 118 22.95 23.48 18.60
CA SER D 118 24.06 24.32 19.04
C SER D 118 25.38 23.64 18.69
N GLY D 119 25.38 22.43 18.20
CA GLY D 119 26.54 21.75 17.67
C GLY D 119 27.19 20.78 18.66
N LYS D 120 26.56 20.56 19.78
CA LYS D 120 26.95 19.61 20.80
C LYS D 120 26.61 18.16 20.43
N ILE D 121 27.65 17.32 20.41
CA ILE D 121 27.43 15.89 20.25
C ILE D 121 26.68 15.38 21.46
N VAL D 122 25.40 15.06 21.38
CA VAL D 122 24.59 14.70 22.52
C VAL D 122 24.56 13.19 22.72
N GLY D 123 24.88 12.34 21.74
CA GLY D 123 24.73 10.89 22.09
C GLY D 123 25.15 10.00 20.94
N LYS D 124 25.52 8.76 21.28
CA LYS D 124 26.02 7.85 20.27
C LYS D 124 25.24 6.53 20.26
N TYR D 125 25.31 5.84 19.14
CA TYR D 125 24.70 4.49 19.13
C TYR D 125 25.62 3.70 18.24
N ARG D 126 25.83 2.41 18.53
CA ARG D 126 26.62 1.53 17.72
C ARG D 126 25.69 0.39 17.31
N LYS D 127 25.70 0.06 16.05
CA LYS D 127 24.81 -0.94 15.47
C LYS D 127 24.85 -2.24 16.28
N ILE D 128 23.66 -2.69 16.72
CA ILE D 128 23.60 -3.93 17.49
C ILE D 128 23.37 -5.16 16.60
N HIS D 129 22.47 -5.03 15.60
CA HIS D 129 22.18 -6.17 14.73
C HIS D 129 22.93 -6.01 13.40
N LEU D 130 23.92 -6.87 13.28
CA LEU D 130 24.73 -6.72 12.06
C LEU D 130 24.22 -7.79 11.11
N PRO D 131 23.81 -7.38 9.93
CA PRO D 131 23.38 -8.33 8.93
C PRO D 131 24.59 -8.97 8.27
N GLY D 132 24.30 -9.97 7.42
CA GLY D 132 25.30 -10.46 6.50
C GLY D 132 26.00 -11.69 7.06
N HIS D 133 27.22 -11.88 6.56
CA HIS D 133 28.04 -13.04 6.93
C HIS D 133 29.41 -12.56 7.41
N LYS D 134 30.17 -13.45 8.05
CA LYS D 134 31.48 -13.18 8.63
C LYS D 134 32.70 -13.60 7.82
N GLU D 135 32.55 -14.64 6.99
CA GLU D 135 33.60 -15.05 6.08
C GLU D 135 33.20 -14.82 4.62
N TYR D 136 34.19 -14.58 3.78
CA TYR D 136 34.00 -14.43 2.34
C TYR D 136 33.17 -15.62 1.82
N GLU D 137 32.12 -15.34 1.08
CA GLU D 137 31.24 -16.34 0.49
C GLU D 137 31.21 -16.04 -1.03
N ALA D 138 31.63 -17.06 -1.76
CA ALA D 138 31.80 -17.12 -3.20
C ALA D 138 30.61 -16.85 -4.11
N TYR D 139 29.41 -17.30 -3.71
CA TYR D 139 28.25 -17.00 -4.56
C TYR D 139 27.83 -15.53 -4.54
N ARG D 140 28.46 -14.57 -3.88
CA ARG D 140 27.88 -13.21 -4.01
C ARG D 140 28.69 -12.26 -4.83
N PRO D 141 28.14 -11.48 -5.77
CA PRO D 141 28.82 -10.43 -6.49
C PRO D 141 29.32 -9.30 -5.59
N PHE D 142 28.75 -9.17 -4.39
CA PHE D 142 29.15 -8.13 -3.44
C PHE D 142 29.08 -8.87 -2.10
N GLN D 143 30.16 -8.80 -1.32
CA GLN D 143 30.05 -9.43 -0.01
C GLN D 143 29.13 -8.59 0.88
N HIS D 144 28.78 -9.12 2.03
CA HIS D 144 28.08 -8.34 3.05
C HIS D 144 28.76 -8.76 4.37
N LEU D 145 29.96 -8.24 4.55
CA LEU D 145 30.81 -8.64 5.67
C LEU D 145 30.71 -7.79 6.91
N GLU D 146 29.54 -7.28 7.28
CA GLU D 146 29.38 -6.39 8.42
C GLU D 146 29.83 -7.17 9.67
N LYS D 147 29.46 -8.42 9.81
CA LYS D 147 29.90 -9.18 10.96
C LYS D 147 31.41 -9.36 11.01
N ARG D 148 32.19 -9.21 9.99
CA ARG D 148 33.65 -9.25 10.11
C ARG D 148 34.27 -7.89 10.39
N TYR D 149 33.63 -6.83 9.82
CA TYR D 149 34.24 -5.50 9.80
C TYR D 149 33.83 -4.65 10.99
N PHE D 150 32.88 -5.16 11.72
CA PHE D 150 32.29 -4.46 12.86
C PHE D 150 32.02 -5.49 13.95
N GLU D 151 31.85 -5.01 15.18
CA GLU D 151 31.43 -5.91 16.23
C GLU D 151 30.12 -5.28 16.70
N PRO D 152 29.23 -6.01 17.29
CA PRO D 152 27.98 -5.44 17.77
C PRO D 152 28.26 -4.31 18.75
N GLY D 153 27.40 -3.31 18.69
CA GLY D 153 27.40 -2.18 19.57
C GLY D 153 27.37 -2.57 21.03
N ASP D 154 27.93 -1.70 21.84
CA ASP D 154 28.04 -1.92 23.28
C ASP D 154 27.37 -0.81 24.08
N LEU D 155 26.42 -0.14 23.43
CA LEU D 155 25.70 0.94 24.09
C LEU D 155 24.23 0.65 24.29
N GLY D 156 23.74 -0.50 23.94
CA GLY D 156 22.29 -0.82 24.09
C GLY D 156 21.55 0.03 23.03
N PHE D 157 20.30 0.37 23.28
CA PHE D 157 19.51 1.25 22.40
C PHE D 157 19.12 2.45 23.23
N PRO D 158 19.99 3.48 23.28
CA PRO D 158 19.77 4.60 24.13
C PRO D 158 18.77 5.60 23.52
N VAL D 159 18.09 6.30 24.39
CA VAL D 159 17.28 7.45 23.96
C VAL D 159 17.82 8.74 24.55
N TYR D 160 18.05 9.78 23.75
CA TYR D 160 18.64 11.00 24.26
C TYR D 160 17.71 12.19 24.12
N ASP D 161 17.96 13.19 24.99
CA ASP D 161 17.29 14.47 24.77
C ASP D 161 18.11 15.21 23.71
N VAL D 162 17.46 15.74 22.69
CA VAL D 162 18.11 16.54 21.65
C VAL D 162 17.16 17.73 21.45
N ASP D 163 17.59 18.88 21.99
CA ASP D 163 16.71 20.06 21.91
C ASP D 163 15.37 19.75 22.52
N ALA D 164 14.25 20.00 21.83
CA ALA D 164 12.98 19.66 22.48
C ALA D 164 12.62 18.17 22.59
N ALA D 165 13.34 17.28 21.90
CA ALA D 165 12.78 15.94 21.69
C ALA D 165 13.53 14.75 22.27
N LYS D 166 12.85 13.70 22.62
CA LYS D 166 13.49 12.43 22.99
C LYS D 166 13.79 11.60 21.78
N MET D 167 15.04 11.43 21.35
CA MET D 167 15.38 10.79 20.10
C MET D 167 16.18 9.50 20.31
N GLY D 168 15.80 8.43 19.63
CA GLY D 168 16.57 7.18 19.66
C GLY D 168 17.13 6.97 18.26
N MET D 169 18.21 6.22 18.12
CA MET D 169 18.83 5.89 16.85
C MET D 169 18.73 4.39 16.54
N PHE D 170 18.59 4.07 15.26
CA PHE D 170 18.78 2.71 14.77
C PHE D 170 19.79 2.82 13.65
N ILE D 171 20.35 1.72 13.20
CA ILE D 171 21.26 1.73 12.06
C ILE D 171 20.85 0.58 11.15
N CYS D 172 20.44 0.97 9.93
CA CYS D 172 20.20 -0.06 8.88
C CYS D 172 19.36 -1.25 9.30
N ASN D 173 19.85 -2.50 9.24
CA ASN D 173 19.07 -3.70 9.56
C ASN D 173 18.38 -3.72 10.89
N ASP D 174 18.85 -2.94 11.88
CA ASP D 174 18.18 -2.86 13.17
C ASP D 174 16.70 -2.51 13.00
N ARG D 175 16.41 -1.66 11.98
CA ARG D 175 14.97 -1.25 11.81
C ARG D 175 14.04 -2.42 11.54
N ARG D 176 14.50 -3.59 11.17
CA ARG D 176 13.75 -4.79 10.82
C ARG D 176 13.29 -5.58 12.03
N TRP D 177 13.99 -5.36 13.17
CA TRP D 177 13.64 -6.00 14.46
C TRP D 177 12.69 -5.14 15.25
N PRO D 178 11.52 -5.66 15.66
CA PRO D 178 10.60 -4.96 16.50
C PRO D 178 11.21 -4.69 17.89
N GLU D 179 12.24 -5.50 18.23
CA GLU D 179 12.87 -5.18 19.53
C GLU D 179 13.57 -3.87 19.54
N THR D 180 14.29 -3.54 18.46
CA THR D 180 14.95 -2.21 18.41
C THR D 180 13.99 -1.11 18.82
N TRP D 181 12.83 -1.10 18.09
CA TRP D 181 11.88 0.01 18.25
C TRP D 181 11.26 0.01 19.65
N ARG D 182 10.96 -1.19 20.12
CA ARG D 182 10.21 -1.31 21.36
C ARG D 182 11.09 -0.91 22.58
N VAL D 183 12.35 -1.26 22.56
CA VAL D 183 13.26 -0.79 23.66
C VAL D 183 13.29 0.73 23.70
N MET D 184 13.41 1.40 22.55
CA MET D 184 13.40 2.85 22.52
C MET D 184 12.02 3.39 22.83
N GLY D 185 10.95 2.69 22.41
CA GLY D 185 9.60 3.17 22.75
C GLY D 185 9.33 3.13 24.25
N LEU D 186 9.88 2.09 24.90
CA LEU D 186 9.64 1.94 26.33
C LEU D 186 10.46 3.02 27.07
N LYS D 187 11.47 3.59 26.49
CA LYS D 187 12.20 4.73 27.06
C LYS D 187 11.58 6.07 26.64
N GLY D 188 10.42 6.11 26.02
CA GLY D 188 9.76 7.39 25.69
C GLY D 188 10.22 8.00 24.39
N ALA D 189 11.01 7.37 23.52
CA ALA D 189 11.44 8.10 22.31
C ALA D 189 10.22 8.66 21.56
N GLU D 190 10.39 9.89 21.07
CA GLU D 190 9.36 10.56 20.28
C GLU D 190 9.75 10.49 18.81
N ILE D 191 11.05 10.54 18.55
CA ILE D 191 11.59 10.39 17.21
C ILE D 191 12.63 9.26 17.21
N ILE D 192 12.52 8.31 16.31
CA ILE D 192 13.44 7.20 16.16
C ILE D 192 14.01 7.33 14.77
N CYS D 193 15.36 7.47 14.60
CA CYS D 193 15.86 7.76 13.27
C CYS D 193 17.17 7.08 12.91
N GLY D 194 17.55 6.99 11.64
CA GLY D 194 18.85 6.27 11.44
C GLY D 194 19.04 6.15 9.94
N GLY D 195 20.13 5.61 9.47
CA GLY D 195 20.46 5.55 8.05
C GLY D 195 20.42 4.09 7.57
N TYR D 196 20.71 3.90 6.27
CA TYR D 196 20.68 2.51 5.81
C TYR D 196 21.41 2.52 4.47
N ASN D 197 21.91 1.38 4.14
CA ASN D 197 22.50 0.98 2.91
C ASN D 197 21.84 -0.39 2.68
N THR D 198 20.82 -0.43 1.84
CA THR D 198 20.12 -1.64 1.55
C THR D 198 20.12 -2.01 0.06
N PRO D 199 20.87 -3.07 -0.26
CA PRO D 199 20.91 -3.52 -1.63
C PRO D 199 19.52 -4.03 -2.09
N THR D 200 19.19 -3.78 -3.36
CA THR D 200 17.98 -4.32 -3.95
C THR D 200 18.16 -5.73 -4.52
N HIS D 201 19.31 -6.36 -4.34
CA HIS D 201 19.50 -7.81 -4.63
C HIS D 201 19.98 -8.56 -3.38
N ASN D 202 19.32 -9.65 -3.00
CA ASN D 202 19.70 -10.42 -1.83
C ASN D 202 20.11 -11.83 -2.26
N PRO D 203 21.43 -11.99 -2.36
CA PRO D 203 22.03 -13.24 -2.83
C PRO D 203 21.39 -14.52 -2.38
N PRO D 204 21.22 -14.75 -1.09
CA PRO D 204 20.66 -15.97 -0.57
C PRO D 204 19.17 -16.16 -0.77
N VAL D 205 18.37 -15.11 -0.97
CA VAL D 205 16.93 -15.17 -1.16
C VAL D 205 16.53 -14.07 -2.16
N PRO D 206 17.10 -14.13 -3.40
CA PRO D 206 16.82 -13.25 -4.50
C PRO D 206 15.38 -13.21 -4.96
N GLN D 207 14.58 -14.13 -4.50
CA GLN D 207 13.16 -14.24 -4.69
C GLN D 207 12.39 -13.21 -3.87
N HIS D 208 13.08 -12.35 -3.15
CA HIS D 208 12.55 -11.29 -2.34
C HIS D 208 13.10 -9.96 -2.82
N ASP D 209 13.85 -9.92 -3.93
CA ASP D 209 14.37 -8.64 -4.36
C ASP D 209 13.24 -7.64 -4.71
N HIS D 210 12.17 -8.11 -5.36
CA HIS D 210 11.15 -7.09 -5.78
C HIS D 210 10.35 -6.57 -4.57
N LEU D 211 10.60 -7.07 -3.37
CA LEU D 211 10.04 -6.75 -2.07
C LEU D 211 10.95 -5.84 -1.29
N THR D 212 12.02 -5.37 -1.89
CA THR D 212 13.00 -4.61 -1.06
C THR D 212 12.36 -3.37 -0.49
N SER D 213 11.81 -2.51 -1.35
CA SER D 213 11.07 -1.35 -0.83
C SER D 213 9.94 -1.74 0.16
N PHE D 214 9.14 -2.70 -0.19
CA PHE D 214 8.03 -3.14 0.63
C PHE D 214 8.51 -3.44 2.07
N HIS D 215 9.53 -4.27 2.20
CA HIS D 215 10.00 -4.63 3.56
C HIS D 215 10.68 -3.49 4.27
N HIS D 216 11.42 -2.59 3.60
CA HIS D 216 11.94 -1.40 4.25
C HIS D 216 10.80 -0.51 4.76
N LEU D 217 9.83 -0.20 3.90
CA LEU D 217 8.74 0.68 4.40
C LEU D 217 7.89 -0.02 5.46
N LEU D 218 7.45 -1.27 5.27
CA LEU D 218 6.74 -2.03 6.27
C LEU D 218 7.44 -1.90 7.65
N SER D 219 8.74 -2.04 7.70
CA SER D 219 9.45 -1.98 8.98
C SER D 219 9.28 -0.62 9.65
N MET D 220 9.56 0.44 8.94
CA MET D 220 9.40 1.80 9.40
C MET D 220 7.97 2.16 9.83
N GLN D 221 6.95 1.74 9.11
CA GLN D 221 5.58 2.08 9.47
C GLN D 221 5.16 1.30 10.70
N ALA D 222 5.50 0.01 10.71
CA ALA D 222 5.05 -0.82 11.87
C ALA D 222 5.76 -0.29 13.15
N GLY D 223 7.03 -0.03 13.01
CA GLY D 223 7.76 0.37 14.23
C GLY D 223 7.24 1.70 14.81
N SER D 224 6.95 2.68 13.95
CA SER D 224 6.41 3.94 14.31
C SER D 224 5.06 3.73 14.98
N TYR D 225 4.16 2.98 14.30
CA TYR D 225 2.81 2.77 14.80
C TYR D 225 2.87 2.12 16.16
N GLN D 226 3.65 1.03 16.25
CA GLN D 226 3.62 0.29 17.51
C GLN D 226 4.08 1.04 18.74
N ASN D 227 4.93 2.01 18.56
CA ASN D 227 5.58 2.77 19.65
C ASN D 227 5.10 4.20 19.66
N GLY D 228 4.14 4.49 18.77
CA GLY D 228 3.68 5.90 18.70
C GLY D 228 4.82 6.89 18.54
N ALA D 229 5.76 6.62 17.65
CA ALA D 229 6.91 7.44 17.47
C ALA D 229 7.00 8.00 16.02
N TRP D 230 7.50 9.21 15.86
CA TRP D 230 7.82 9.69 14.48
C TRP D 230 9.08 8.91 14.11
N SER D 231 9.37 8.59 12.87
CA SER D 231 10.63 7.95 12.58
C SER D 231 11.12 8.47 11.25
N ALA D 232 12.39 8.24 10.93
CA ALA D 232 12.96 8.76 9.70
C ALA D 232 14.14 7.87 9.33
N ALA D 233 14.22 7.56 8.07
CA ALA D 233 15.29 6.67 7.63
C ALA D 233 15.93 7.31 6.39
N ALA D 234 17.26 7.41 6.43
CA ALA D 234 18.00 8.10 5.38
C ALA D 234 18.87 7.14 4.63
N GLY D 235 18.57 6.85 3.34
CA GLY D 235 19.31 5.82 2.64
C GLY D 235 20.56 6.42 1.98
N LYS D 236 21.56 5.53 1.78
CA LYS D 236 22.63 5.98 0.89
C LYS D 236 22.32 5.04 -0.31
N VAL D 237 21.94 5.63 -1.44
CA VAL D 237 21.21 4.93 -2.48
C VAL D 237 21.70 5.07 -3.89
N GLY D 238 21.17 4.26 -4.81
CA GLY D 238 21.57 4.33 -6.21
C GLY D 238 22.71 3.35 -6.47
N MET D 239 23.24 3.50 -7.71
CA MET D 239 24.19 2.48 -8.15
C MET D 239 25.54 2.67 -7.51
N GLU D 240 25.88 1.99 -6.41
CA GLU D 240 27.17 2.35 -5.79
C GLU D 240 28.22 1.27 -5.96
N GLU D 241 29.24 1.67 -6.74
CA GLU D 241 30.34 0.76 -7.05
C GLU D 241 29.79 -0.52 -7.64
N GLY D 242 28.86 -0.45 -8.58
CA GLY D 242 28.24 -1.64 -9.12
C GLY D 242 27.08 -2.18 -8.27
N CYS D 243 26.90 -1.79 -7.00
CA CYS D 243 25.83 -2.35 -6.20
C CYS D 243 24.61 -1.40 -6.16
N MET D 244 23.43 -1.82 -6.58
CA MET D 244 22.30 -0.85 -6.57
C MET D 244 21.68 -0.83 -5.17
N LEU D 245 21.61 0.34 -4.55
CA LEU D 245 21.07 0.37 -3.19
C LEU D 245 19.69 1.05 -3.25
N LEU D 246 18.74 0.55 -2.46
CA LEU D 246 17.38 1.09 -2.40
C LEU D 246 17.29 2.52 -1.99
N GLY D 247 16.41 3.24 -2.72
CA GLY D 247 16.02 4.59 -2.48
C GLY D 247 15.00 4.59 -1.34
N HIS D 248 13.92 5.28 -1.63
CA HIS D 248 12.81 5.40 -0.67
C HIS D 248 13.23 5.73 0.73
N SER D 249 13.97 6.85 0.93
CA SER D 249 14.24 7.39 2.25
C SER D 249 12.89 8.01 2.70
N CYS D 250 12.57 8.07 3.96
CA CYS D 250 11.22 8.41 4.38
C CYS D 250 11.15 9.04 5.70
N ILE D 251 10.01 9.65 6.00
CA ILE D 251 9.72 10.20 7.32
C ILE D 251 8.33 9.68 7.61
N VAL D 252 8.16 9.18 8.84
CA VAL D 252 6.88 8.45 9.13
C VAL D 252 6.33 9.06 10.40
N ALA D 253 5.01 9.16 10.46
CA ALA D 253 4.33 9.68 11.61
C ALA D 253 4.10 8.58 12.61
N PRO D 254 3.70 8.90 13.87
CA PRO D 254 3.45 7.98 14.91
C PRO D 254 2.29 7.02 14.62
N THR D 255 1.43 7.33 13.64
CA THR D 255 0.37 6.43 13.21
C THR D 255 0.88 5.40 12.23
N GLY D 256 2.11 5.53 11.79
CA GLY D 256 2.64 4.66 10.73
C GLY D 256 2.47 5.20 9.34
N GLU D 257 1.76 6.35 9.24
CA GLU D 257 1.62 6.94 7.89
C GLU D 257 2.93 7.45 7.37
N ILE D 258 3.25 7.28 6.11
CA ILE D 258 4.50 7.84 5.54
C ILE D 258 4.23 9.28 5.15
N VAL D 259 4.86 10.27 5.73
CA VAL D 259 4.57 11.67 5.48
C VAL D 259 5.54 12.33 4.51
N ALA D 260 6.64 11.63 4.17
CA ALA D 260 7.55 12.19 3.20
C ALA D 260 8.33 11.00 2.65
N LEU D 261 8.64 11.05 1.38
CA LEU D 261 9.32 9.91 0.74
C LEU D 261 10.20 10.43 -0.34
N THR D 262 11.44 9.96 -0.52
CA THR D 262 12.24 10.41 -1.65
C THR D 262 11.83 9.74 -2.96
N THR D 263 12.04 10.39 -4.10
CA THR D 263 11.71 9.71 -5.37
C THR D 263 12.93 9.62 -6.29
N THR D 264 14.05 10.23 -5.92
CA THR D 264 15.25 10.10 -6.74
C THR D 264 16.26 9.16 -6.03
N LEU D 265 17.22 8.73 -6.86
CA LEU D 265 18.36 7.97 -6.30
C LEU D 265 19.59 8.87 -6.28
N GLU D 266 19.45 10.10 -5.87
CA GLU D 266 20.55 11.06 -5.78
C GLU D 266 20.53 11.81 -4.49
N ASP D 267 21.47 12.70 -4.12
CA ASP D 267 21.36 13.43 -2.88
C ASP D 267 19.97 14.15 -2.94
N GLU D 268 19.22 14.01 -1.88
CA GLU D 268 17.87 14.61 -1.90
C GLU D 268 17.42 14.85 -0.48
N VAL D 269 16.88 16.02 -0.22
CA VAL D 269 16.34 16.34 1.06
C VAL D 269 14.82 16.22 1.07
N ILE D 270 14.27 15.54 2.04
CA ILE D 270 12.79 15.57 2.20
C ILE D 270 12.51 16.10 3.57
N THR D 271 11.34 16.70 3.78
CA THR D 271 11.07 17.28 5.09
C THR D 271 9.64 17.05 5.53
N ALA D 272 9.39 17.17 6.83
CA ALA D 272 8.02 17.08 7.32
C ALA D 272 7.92 17.85 8.60
N ALA D 273 6.73 18.39 8.87
CA ALA D 273 6.38 18.98 10.10
C ALA D 273 6.17 17.87 11.13
N LEU D 274 6.83 18.01 12.27
CA LEU D 274 6.64 17.06 13.34
C LEU D 274 6.06 17.74 14.57
N ASP D 275 5.08 17.06 15.12
CA ASP D 275 4.44 17.60 16.31
C ASP D 275 4.65 16.53 17.38
N LEU D 276 5.55 16.75 18.32
CA LEU D 276 5.94 15.78 19.34
C LEU D 276 4.79 15.36 20.22
N ASP D 277 3.70 16.15 20.28
CA ASP D 277 2.51 15.81 21.02
C ASP D 277 1.60 14.81 20.31
N ARG D 278 1.80 14.56 19.04
CA ARG D 278 0.97 13.56 18.30
C ARG D 278 1.28 12.14 18.71
N CYS D 279 2.47 11.94 19.34
CA CYS D 279 2.80 10.64 19.92
C CYS D 279 1.70 10.14 20.85
N ARG D 280 1.08 10.97 21.67
CA ARG D 280 -0.05 10.66 22.51
C ARG D 280 -1.28 10.00 21.90
N GLU D 281 -1.60 10.26 20.63
CA GLU D 281 -2.73 9.63 19.96
C GLU D 281 -2.65 8.11 20.10
N LEU D 282 -1.39 7.61 20.00
CA LEU D 282 -1.15 6.20 20.18
C LEU D 282 -0.86 5.87 21.67
N ARG D 283 0.03 6.62 22.31
CA ARG D 283 0.60 6.17 23.57
C ARG D 283 -0.24 6.51 24.78
N GLU D 284 -1.30 7.31 24.62
CA GLU D 284 -2.21 7.54 25.75
C GLU D 284 -3.48 6.74 25.51
N HIS D 285 -3.50 6.07 24.35
CA HIS D 285 -4.71 5.37 23.95
C HIS D 285 -4.56 3.89 23.59
N ILE D 286 -4.53 3.53 22.29
CA ILE D 286 -4.50 2.10 21.93
C ILE D 286 -3.18 1.48 22.43
N PHE D 287 -2.08 2.23 22.42
CA PHE D 287 -0.82 1.69 22.91
C PHE D 287 -0.42 2.47 24.18
N ASN D 288 -1.37 2.60 25.07
CA ASN D 288 -1.07 3.10 26.45
C ASN D 288 -0.48 1.89 27.18
N PHE D 289 0.86 1.86 27.24
CA PHE D 289 1.58 0.68 27.70
C PHE D 289 1.25 0.36 29.16
N LYS D 290 1.01 1.36 29.99
CA LYS D 290 0.68 1.06 31.40
C LYS D 290 -0.71 0.44 31.47
N ALA D 291 -1.67 0.97 30.69
CA ALA D 291 -2.98 0.35 30.65
C ALA D 291 -2.98 -1.02 29.98
N HIS D 292 -2.27 -1.22 28.84
CA HIS D 292 -2.46 -2.44 28.09
C HIS D 292 -1.30 -3.38 27.97
N ARG D 293 -0.07 -2.92 28.14
CA ARG D 293 1.04 -3.86 27.87
C ARG D 293 1.05 -4.92 28.91
N GLN D 294 1.49 -6.14 28.57
CA GLN D 294 1.46 -7.28 29.49
C GLN D 294 2.82 -7.98 29.58
N PRO D 295 3.87 -7.30 30.08
CA PRO D 295 5.23 -7.77 30.06
C PRO D 295 5.51 -9.06 30.79
N GLN D 296 4.57 -9.40 31.69
CA GLN D 296 4.57 -10.66 32.43
C GLN D 296 4.55 -11.83 31.48
N HIS D 297 3.89 -11.71 30.29
CA HIS D 297 3.85 -12.81 29.37
C HIS D 297 4.90 -12.71 28.27
N TYR D 298 5.83 -11.79 28.33
CA TYR D 298 6.79 -11.58 27.21
C TYR D 298 8.20 -12.02 27.55
N GLY D 299 8.31 -12.73 28.68
CA GLY D 299 9.69 -13.11 29.15
C GLY D 299 10.52 -13.86 28.18
N LEU D 300 9.92 -14.70 27.31
CA LEU D 300 10.72 -15.43 26.32
C LEU D 300 11.48 -14.54 25.38
N ILE D 301 10.98 -13.34 25.05
CA ILE D 301 11.71 -12.41 24.18
C ILE D 301 13.06 -12.02 24.74
N ALA D 302 13.16 -11.94 26.05
CA ALA D 302 14.44 -11.56 26.68
C ALA D 302 15.34 -12.72 27.05
N GLU D 303 14.98 -13.98 26.73
CA GLU D 303 15.87 -15.07 27.18
C GLU D 303 17.07 -15.22 26.25
N PHE D 304 18.22 -15.55 26.85
CA PHE D 304 19.42 -15.82 26.06
C PHE D 304 20.35 -16.84 26.77
XE XE E . -8.95 7.12 -20.44
XE XE F . 9.02 -7.20 20.42
#